data_2P2F
#
_entry.id   2P2F
#
_cell.length_a   90.906
_cell.length_b   94.933
_cell.length_c   161.814
_cell.angle_alpha   90.00
_cell.angle_beta   90.00
_cell.angle_gamma   90.00
#
_symmetry.space_group_name_H-M   'P 21 21 21'
#
loop_
_entity.id
_entity.type
_entity.pdbx_description
1 polymer 'Acetyl-coenzyme A synthetase'
2 non-polymer 'ACETATE ION'
3 non-polymer 'COENZYME A'
4 non-polymer 'ADENOSINE MONOPHOSPHATE'
5 water water
#
_entity_poly.entity_id   1
_entity_poly.type   'polypeptide(L)'
_entity_poly.pdbx_seq_one_letter_code
;MSQTHKHAIPANIADRCLINPEQYETKYKQSINDPDTFWGEQGKILDWITPYQKVKNTSFAPGNVSIKWYEDGTLNLAAN
CLDRHLQENGDRTAIIWEGDDTSQSKHISYRELHRDVCRFANTLLDLGIKKGDVVAIYMPMVPEAAVAMLACARIGAVHS
VIFGGFSPEAVAGRIIDSSSRLVITADEGVRAGRSIPLKKNVDDALKNPNVTSVEHVIVLKRTGSDIDWQEGRDLWWRDL
IEKASPEHQPEAMNAEDPLFILYTSGSTGKPKGVLHTTGGYLVYAATTFKYVFDYHPGDIYWCTADVGWVTGHSYLLYGP
LACGATTLMFEGVPNWPTPARMCQVVDKHQVNILYTAPTAIRALMAEGDKAIEGTDRSSLRILGSVGEPINPEAWEWYWK
KIGKEKCPVVDTWWQTETGGFMITPLPGAIELKAGSATRPFFGVQPALVDNEGHPQEGATEGNLVITDSWPGQARTLFGD
HERFEQTYFSTFKNMYFSGDGARRDEDGYYWITGRVDDVLNVSGHRLGTAEIESALVAHPKIAEAAVVGIPHAIKGQAIY
AYVTLNHGEEPSPELYAEVRNWVRKEIGPLATPDVLHWTDSLPKTRSGKIMRRILRKIAAGDTSNLGDTSTLADPGVVEK
LLEEKQAIAMPS
;
_entity_poly.pdbx_strand_id   A,B
#
# COMPACT_ATOMS: atom_id res chain seq x y z
N LYS A 6 33.43 -13.27 -2.08
CA LYS A 6 33.21 -14.74 -2.38
C LYS A 6 32.63 -15.57 -1.22
N HIS A 7 31.47 -16.21 -1.43
CA HIS A 7 30.87 -17.15 -0.46
C HIS A 7 31.31 -18.55 -0.78
N ALA A 8 31.81 -19.27 0.22
CA ALA A 8 32.16 -20.70 0.05
C ALA A 8 30.90 -21.55 -0.11
N ILE A 9 31.04 -22.64 -0.86
CA ILE A 9 30.02 -23.67 -1.01
C ILE A 9 29.94 -24.37 0.33
N PRO A 10 28.73 -24.44 0.93
CA PRO A 10 28.69 -25.11 2.23
C PRO A 10 28.80 -26.62 2.06
N ALA A 11 29.24 -27.32 3.12
CA ALA A 11 29.46 -28.77 3.04
C ALA A 11 28.20 -29.63 2.74
N ASN A 12 27.03 -29.20 3.19
CA ASN A 12 25.82 -29.96 2.92
C ASN A 12 25.49 -29.97 1.42
N ILE A 13 25.81 -28.88 0.70
CA ILE A 13 25.56 -28.85 -0.74
C ILE A 13 26.62 -29.67 -1.47
N ALA A 14 27.87 -29.48 -1.08
CA ALA A 14 28.97 -30.27 -1.64
C ALA A 14 28.65 -31.77 -1.54
N ASP A 15 28.00 -32.19 -0.45
CA ASP A 15 27.64 -33.60 -0.26
C ASP A 15 26.56 -34.18 -1.18
N ARG A 16 25.67 -33.36 -1.72
CA ARG A 16 24.54 -33.88 -2.52
C ARG A 16 24.49 -33.37 -3.96
N CYS A 17 25.30 -32.38 -4.30
CA CYS A 17 25.10 -31.60 -5.52
C CYS A 17 25.25 -32.45 -6.75
N LEU A 18 24.47 -32.15 -7.79
CA LEU A 18 24.55 -32.92 -9.00
C LEU A 18 25.71 -32.48 -9.85
N ILE A 19 26.07 -31.21 -9.76
CA ILE A 19 27.21 -30.67 -10.50
C ILE A 19 28.24 -30.04 -9.55
N ASN A 20 29.42 -30.65 -9.43
CA ASN A 20 30.47 -30.06 -8.63
C ASN A 20 31.39 -29.20 -9.51
N PRO A 21 32.39 -28.50 -8.91
CA PRO A 21 33.24 -27.61 -9.71
C PRO A 21 33.87 -28.29 -10.92
N GLU A 22 34.40 -29.50 -10.76
CA GLU A 22 35.10 -30.17 -11.86
C GLU A 22 34.09 -30.58 -12.94
N GLN A 23 32.94 -31.07 -12.50
CA GLN A 23 31.86 -31.39 -13.43
C GLN A 23 31.43 -30.15 -14.21
N TYR A 24 31.29 -29.00 -13.54
CA TYR A 24 30.94 -27.79 -14.27
C TYR A 24 31.94 -27.46 -15.38
N GLU A 25 33.24 -27.52 -15.03
CA GLU A 25 34.32 -27.24 -16.00
C GLU A 25 34.27 -28.19 -17.19
N THR A 26 34.12 -29.48 -16.89
CA THR A 26 34.18 -30.52 -17.90
C THR A 26 32.96 -30.46 -18.81
N LYS A 27 31.77 -30.51 -18.24
CA LYS A 27 30.55 -30.33 -19.00
C LYS A 27 30.54 -29.01 -19.79
N TYR A 28 31.03 -27.92 -19.20
CA TYR A 28 31.00 -26.65 -19.94
C TYR A 28 31.92 -26.64 -21.14
N LYS A 29 33.17 -27.05 -20.94
CA LYS A 29 34.13 -27.17 -22.02
C LYS A 29 33.52 -28.00 -23.18
N GLN A 30 32.92 -29.14 -22.86
CA GLN A 30 32.39 -30.01 -23.92
C GLN A 30 31.18 -29.38 -24.65
N SER A 31 30.33 -28.66 -23.91
CA SER A 31 29.16 -27.97 -24.49
C SER A 31 29.55 -26.92 -25.53
N ILE A 32 30.71 -26.31 -25.37
CA ILE A 32 31.29 -25.36 -26.31
C ILE A 32 31.96 -26.06 -27.50
N ASN A 33 32.87 -26.98 -27.17
CA ASN A 33 33.71 -27.65 -28.18
C ASN A 33 32.94 -28.65 -29.03
N ASP A 34 31.95 -29.31 -28.43
CA ASP A 34 31.24 -30.37 -29.12
C ASP A 34 29.74 -30.38 -28.72
N PRO A 35 28.97 -29.41 -29.26
CA PRO A 35 27.59 -29.25 -28.83
C PRO A 35 26.77 -30.47 -29.19
N ASP A 36 27.08 -31.08 -30.35
CA ASP A 36 26.27 -32.21 -30.83
C ASP A 36 26.32 -33.44 -29.92
N THR A 37 27.51 -33.79 -29.42
CA THR A 37 27.66 -34.85 -28.43
C THR A 37 27.06 -34.42 -27.10
N PHE A 38 27.39 -33.22 -26.65
CA PHE A 38 26.88 -32.74 -25.38
C PHE A 38 25.34 -32.72 -25.35
N TRP A 39 24.72 -32.11 -26.35
CA TRP A 39 23.29 -31.89 -26.32
C TRP A 39 22.50 -33.07 -26.85
N GLY A 40 23.17 -33.90 -27.65
CA GLY A 40 22.61 -35.17 -28.07
C GLY A 40 22.46 -36.09 -26.88
N GLU A 41 23.44 -36.09 -25.97
CA GLU A 41 23.30 -36.87 -24.76
C GLU A 41 22.29 -36.19 -23.82
N GLN A 42 22.47 -34.89 -23.61
CA GLN A 42 21.66 -34.19 -22.64
C GLN A 42 20.18 -34.15 -23.02
N GLY A 43 19.86 -34.22 -24.32
CA GLY A 43 18.49 -34.25 -24.76
C GLY A 43 17.68 -35.46 -24.28
N LYS A 44 18.36 -36.48 -23.74
CA LYS A 44 17.68 -37.70 -23.26
C LYS A 44 16.97 -37.52 -21.90
N ILE A 45 17.12 -36.35 -21.27
CA ILE A 45 16.29 -35.94 -20.13
C ILE A 45 14.78 -36.01 -20.46
N LEU A 46 14.47 -36.02 -21.76
CA LEU A 46 13.12 -36.13 -22.25
C LEU A 46 12.88 -37.47 -23.00
N ASP A 47 11.63 -37.90 -23.04
CA ASP A 47 11.22 -38.99 -23.88
C ASP A 47 10.91 -38.38 -25.23
N TRP A 48 11.35 -39.07 -26.28
CA TRP A 48 11.07 -38.70 -27.64
C TRP A 48 10.17 -39.79 -28.27
N ILE A 49 9.31 -39.41 -29.21
CA ILE A 49 8.52 -40.40 -29.89
C ILE A 49 9.34 -41.00 -31.06
N THR A 50 9.81 -40.17 -31.99
CA THR A 50 10.94 -40.61 -32.79
C THR A 50 12.22 -39.85 -32.36
N PRO A 51 13.29 -40.60 -32.06
CA PRO A 51 14.56 -40.00 -31.67
C PRO A 51 15.13 -39.10 -32.75
N TYR A 52 15.73 -38.01 -32.32
CA TYR A 52 16.44 -37.11 -33.21
C TYR A 52 17.74 -37.73 -33.70
N GLN A 53 18.23 -37.27 -34.84
CA GLN A 53 19.57 -37.62 -35.32
C GLN A 53 20.40 -36.33 -35.36
N LYS A 54 19.88 -35.30 -36.02
CA LYS A 54 20.51 -33.98 -36.01
C LYS A 54 20.37 -33.35 -34.63
N VAL A 55 21.35 -32.60 -34.17
CA VAL A 55 21.21 -31.91 -32.89
C VAL A 55 21.29 -30.39 -33.12
N LYS A 56 22.51 -29.86 -33.26
CA LYS A 56 22.75 -28.42 -33.47
C LYS A 56 22.81 -28.03 -34.94
N ASN A 57 21.91 -27.16 -35.38
CA ASN A 57 21.87 -26.73 -36.77
C ASN A 57 21.42 -25.26 -36.85
N THR A 58 22.38 -24.36 -36.62
CA THR A 58 22.07 -22.94 -36.33
C THR A 58 23.03 -21.94 -36.97
N SER A 59 22.55 -20.73 -37.08
CA SER A 59 23.27 -19.67 -37.78
C SER A 59 22.72 -18.30 -37.33
N PHE A 60 23.63 -17.38 -37.04
CA PHE A 60 23.24 -15.99 -36.74
C PHE A 60 23.58 -15.05 -37.89
N ALA A 61 23.80 -15.62 -39.08
CA ALA A 61 24.35 -14.88 -40.22
C ALA A 61 23.36 -13.84 -40.72
N PRO A 62 23.84 -12.61 -40.96
CA PRO A 62 23.00 -11.52 -41.50
C PRO A 62 22.04 -12.02 -42.60
N GLY A 63 20.73 -11.79 -42.43
CA GLY A 63 19.75 -12.20 -43.45
C GLY A 63 19.50 -13.69 -43.60
N ASN A 64 20.16 -14.52 -42.80
CA ASN A 64 19.85 -15.95 -42.72
C ASN A 64 19.97 -16.47 -41.32
N VAL A 65 19.18 -15.90 -40.41
CA VAL A 65 19.12 -16.37 -39.03
C VAL A 65 18.17 -17.57 -38.98
N SER A 66 18.70 -18.69 -38.52
CA SER A 66 17.99 -19.96 -38.58
C SER A 66 18.45 -20.87 -37.42
N ILE A 67 17.51 -21.16 -36.54
CA ILE A 67 17.82 -21.86 -35.31
C ILE A 67 17.04 -23.19 -35.24
N LYS A 68 17.76 -24.30 -35.38
CA LYS A 68 17.12 -25.61 -35.30
C LYS A 68 17.90 -26.52 -34.37
N TRP A 69 17.18 -27.14 -33.45
CA TRP A 69 17.73 -28.06 -32.48
C TRP A 69 16.87 -29.29 -32.49
N TYR A 70 17.51 -30.44 -32.63
CA TYR A 70 16.83 -31.74 -32.62
C TYR A 70 15.75 -31.90 -33.71
N GLU A 71 16.00 -31.34 -34.90
CA GLU A 71 14.89 -31.07 -35.84
C GLU A 71 14.09 -32.26 -36.35
N ASP A 72 14.76 -33.39 -36.54
CA ASP A 72 14.13 -34.56 -37.11
C ASP A 72 13.54 -35.47 -36.03
N GLY A 73 13.43 -34.95 -34.82
CA GLY A 73 12.84 -35.68 -33.70
C GLY A 73 11.43 -35.19 -33.35
N THR A 74 10.61 -36.08 -32.82
CA THR A 74 9.27 -35.69 -32.40
C THR A 74 9.09 -36.06 -30.96
N LEU A 75 8.12 -35.42 -30.34
CA LEU A 75 7.86 -35.56 -28.92
C LEU A 75 6.55 -34.85 -28.57
N ASN A 76 6.18 -34.90 -27.30
CA ASN A 76 5.05 -34.16 -26.82
C ASN A 76 5.42 -33.58 -25.46
N LEU A 77 5.19 -32.29 -25.29
CA LEU A 77 5.58 -31.62 -24.04
C LEU A 77 4.71 -32.10 -22.90
N ALA A 78 3.41 -32.25 -23.16
CA ALA A 78 2.51 -32.66 -22.10
C ALA A 78 2.79 -34.07 -21.65
N ALA A 79 3.23 -34.96 -22.54
CA ALA A 79 3.60 -36.33 -22.13
C ALA A 79 4.92 -36.36 -21.32
N ASN A 80 5.81 -35.41 -21.58
CA ASN A 80 7.04 -35.31 -20.80
C ASN A 80 6.83 -34.70 -19.40
N CYS A 81 5.81 -33.85 -19.27
CA CYS A 81 5.47 -33.16 -18.03
C CYS A 81 4.36 -33.85 -17.26
N LEU A 82 3.71 -34.85 -17.88
CA LEU A 82 2.61 -35.59 -17.21
C LEU A 82 2.61 -37.12 -17.44
N ASP A 83 2.39 -37.55 -18.69
CA ASP A 83 2.16 -38.97 -18.97
C ASP A 83 3.25 -39.88 -18.43
N ARG A 84 4.50 -39.51 -18.70
CA ARG A 84 5.63 -40.37 -18.33
C ARG A 84 5.88 -40.46 -16.83
N HIS A 85 5.21 -39.61 -16.05
CA HIS A 85 5.42 -39.66 -14.61
C HIS A 85 4.37 -40.55 -13.91
N LEU A 86 3.33 -40.90 -14.65
CA LEU A 86 2.18 -41.61 -14.09
C LEU A 86 2.49 -43.02 -13.57
N GLN A 87 3.24 -43.82 -14.32
CA GLN A 87 3.48 -45.19 -13.89
C GLN A 87 4.05 -45.28 -12.47
N GLU A 88 5.09 -44.50 -12.19
CA GLU A 88 5.79 -44.60 -10.91
C GLU A 88 5.45 -43.51 -9.90
N ASN A 89 4.99 -42.36 -10.38
CA ASN A 89 4.82 -41.21 -9.52
C ASN A 89 3.50 -40.52 -9.71
N GLY A 90 2.54 -41.25 -10.23
CA GLY A 90 1.21 -40.70 -10.45
C GLY A 90 0.63 -40.12 -9.16
N ASP A 91 1.03 -40.65 -8.01
CA ASP A 91 0.50 -40.14 -6.73
C ASP A 91 1.31 -39.05 -6.11
N ARG A 92 2.45 -38.70 -6.70
CA ARG A 92 3.24 -37.57 -6.21
C ARG A 92 2.50 -36.28 -6.55
N THR A 93 2.57 -35.31 -5.62
CA THR A 93 1.96 -34.00 -5.86
C THR A 93 2.72 -33.32 -7.01
N ALA A 94 1.97 -32.95 -8.05
CA ALA A 94 2.51 -32.22 -9.18
C ALA A 94 2.52 -30.72 -8.87
N ILE A 95 1.40 -30.22 -8.33
CA ILE A 95 1.25 -28.82 -7.99
C ILE A 95 0.64 -28.69 -6.63
N ILE A 96 1.33 -27.94 -5.75
CA ILE A 96 0.72 -27.45 -4.51
C ILE A 96 0.17 -26.08 -4.79
N TRP A 97 -1.13 -25.90 -4.59
CA TRP A 97 -1.73 -24.60 -4.79
C TRP A 97 -2.10 -23.99 -3.45
N GLU A 98 -1.54 -22.80 -3.23
CA GLU A 98 -1.77 -22.02 -2.00
C GLU A 98 -2.54 -20.75 -2.36
N GLY A 99 -3.75 -20.63 -1.81
CA GLY A 99 -4.62 -19.47 -2.11
C GLY A 99 -4.18 -18.20 -1.39
N ASP A 100 -4.62 -17.07 -1.93
CA ASP A 100 -4.52 -15.79 -1.24
C ASP A 100 -4.95 -15.88 0.23
N ASP A 101 -6.10 -16.47 0.42
CA ASP A 101 -6.63 -16.91 1.70
C ASP A 101 -5.95 -18.27 2.01
N THR A 102 -5.11 -18.32 3.05
CA THR A 102 -4.35 -19.53 3.40
C THR A 102 -5.22 -20.74 3.81
N SER A 103 -6.50 -20.54 4.07
CA SER A 103 -7.37 -21.68 4.39
C SER A 103 -7.74 -22.46 3.13
N GLN A 104 -7.38 -21.90 1.98
CA GLN A 104 -7.66 -22.55 0.72
C GLN A 104 -6.38 -23.06 0.11
N SER A 105 -6.29 -24.38 -0.04
CA SER A 105 -5.18 -25.02 -0.75
C SER A 105 -5.55 -26.34 -1.42
N LYS A 106 -4.63 -26.85 -2.23
CA LYS A 106 -4.81 -28.09 -2.97
C LYS A 106 -3.47 -28.77 -3.18
N HIS A 107 -3.52 -30.09 -3.15
CA HIS A 107 -2.42 -30.88 -3.69
C HIS A 107 -3.03 -31.55 -4.89
N ILE A 108 -2.46 -31.26 -6.05
CA ILE A 108 -2.89 -31.92 -7.24
C ILE A 108 -1.80 -32.90 -7.66
N SER A 109 -2.15 -34.19 -7.53
CA SER A 109 -1.29 -35.30 -7.96
C SER A 109 -1.13 -35.26 -9.46
N TYR A 110 0.01 -35.77 -9.94
CA TYR A 110 0.30 -35.99 -11.37
C TYR A 110 -0.83 -36.71 -12.11
N ARG A 111 -1.40 -37.74 -11.47
CA ARG A 111 -2.61 -38.38 -11.99
C ARG A 111 -3.75 -37.37 -12.16
N GLU A 112 -4.13 -36.66 -11.08
CA GLU A 112 -5.23 -35.69 -11.18
C GLU A 112 -4.97 -34.66 -12.29
N LEU A 113 -3.72 -34.25 -12.43
CA LEU A 113 -3.40 -33.19 -13.33
C LEU A 113 -3.48 -33.68 -14.78
N HIS A 114 -3.01 -34.90 -14.98
CA HIS A 114 -3.03 -35.53 -16.29
C HIS A 114 -4.47 -35.67 -16.76
N ARG A 115 -5.29 -36.25 -15.89
CA ARG A 115 -6.72 -36.45 -16.16
C ARG A 115 -7.37 -35.16 -16.63
N ASP A 116 -7.05 -34.05 -15.96
CA ASP A 116 -7.68 -32.78 -16.31
C ASP A 116 -7.16 -32.21 -17.60
N VAL A 117 -5.87 -32.33 -17.84
CA VAL A 117 -5.29 -31.93 -19.11
C VAL A 117 -5.90 -32.71 -20.29
N CYS A 118 -6.18 -33.99 -20.06
CA CYS A 118 -6.80 -34.79 -21.10
C CYS A 118 -8.22 -34.33 -21.40
N ARG A 119 -8.98 -34.06 -20.33
CA ARG A 119 -10.36 -33.59 -20.47
C ARG A 119 -10.32 -32.26 -21.15
N PHE A 120 -9.40 -31.39 -20.74
CA PHE A 120 -9.31 -30.07 -21.35
C PHE A 120 -8.76 -30.09 -22.78
N ALA A 121 -7.91 -31.05 -23.10
CA ALA A 121 -7.45 -31.23 -24.48
C ALA A 121 -8.65 -31.60 -25.40
N ASN A 122 -9.42 -32.60 -24.99
CA ASN A 122 -10.66 -32.94 -25.69
C ASN A 122 -11.58 -31.73 -25.81
N THR A 123 -11.69 -30.90 -24.76
CA THR A 123 -12.57 -29.73 -24.78
C THR A 123 -12.13 -28.74 -25.87
N LEU A 124 -10.83 -28.43 -25.87
CA LEU A 124 -10.27 -27.58 -26.90
C LEU A 124 -10.50 -28.17 -28.27
N LEU A 125 -10.25 -29.46 -28.42
CA LEU A 125 -10.46 -30.12 -29.70
C LEU A 125 -11.90 -30.08 -30.19
N ASP A 126 -12.90 -30.16 -29.29
CA ASP A 126 -14.32 -30.12 -29.71
C ASP A 126 -14.80 -28.73 -30.07
N LEU A 127 -14.15 -27.74 -29.49
CA LEU A 127 -14.45 -26.36 -29.76
C LEU A 127 -13.91 -25.99 -31.13
N GLY A 128 -13.12 -26.90 -31.71
CA GLY A 128 -12.57 -26.70 -33.05
C GLY A 128 -11.14 -26.18 -33.09
N ILE A 129 -10.49 -26.06 -31.93
CA ILE A 129 -9.09 -25.68 -31.86
C ILE A 129 -8.21 -26.80 -32.47
N LYS A 130 -7.28 -26.40 -33.33
CA LYS A 130 -6.41 -27.32 -34.08
C LYS A 130 -4.96 -26.98 -33.80
N LYS A 131 -4.08 -27.96 -34.02
CA LYS A 131 -2.64 -27.71 -34.03
C LYS A 131 -2.31 -26.42 -34.79
N GLY A 132 -1.47 -25.57 -34.20
CA GLY A 132 -1.08 -24.27 -34.77
C GLY A 132 -1.95 -23.07 -34.41
N ASP A 133 -3.18 -23.30 -33.94
CA ASP A 133 -4.06 -22.21 -33.52
C ASP A 133 -3.53 -21.55 -32.25
N VAL A 134 -3.61 -20.21 -32.21
CA VAL A 134 -3.26 -19.47 -31.02
C VAL A 134 -4.41 -19.37 -30.00
N VAL A 135 -4.12 -19.73 -28.76
CA VAL A 135 -5.10 -19.60 -27.69
C VAL A 135 -4.56 -18.58 -26.69
N ALA A 136 -5.35 -17.54 -26.45
CA ALA A 136 -5.08 -16.48 -25.48
C ALA A 136 -5.50 -16.92 -24.07
N ILE A 137 -4.56 -16.92 -23.12
CA ILE A 137 -4.84 -17.31 -21.75
C ILE A 137 -4.63 -16.11 -20.82
N TYR A 138 -5.73 -15.72 -20.19
CA TYR A 138 -5.78 -14.50 -19.39
C TYR A 138 -6.37 -14.88 -18.04
N MET A 139 -5.48 -15.39 -17.18
CA MET A 139 -5.88 -16.21 -16.03
C MET A 139 -5.10 -15.75 -14.82
N PRO A 140 -5.72 -15.89 -13.63
CA PRO A 140 -5.03 -15.63 -12.34
C PRO A 140 -4.18 -16.85 -11.96
N MET A 141 -3.51 -16.81 -10.82
CA MET A 141 -2.59 -17.87 -10.46
C MET A 141 -3.36 -18.98 -9.77
N VAL A 142 -4.13 -19.69 -10.57
CA VAL A 142 -4.87 -20.85 -10.11
C VAL A 142 -4.42 -22.02 -10.99
N PRO A 143 -4.61 -23.27 -10.51
CA PRO A 143 -4.06 -24.44 -11.22
C PRO A 143 -4.66 -24.61 -12.60
N GLU A 144 -5.87 -24.13 -12.81
CA GLU A 144 -6.53 -24.23 -14.14
C GLU A 144 -5.76 -23.54 -15.26
N ALA A 145 -4.99 -22.52 -14.92
CA ALA A 145 -4.13 -21.86 -15.90
C ALA A 145 -3.10 -22.87 -16.41
N ALA A 146 -2.47 -23.59 -15.50
CA ALA A 146 -1.56 -24.67 -15.86
C ALA A 146 -2.28 -25.74 -16.68
N VAL A 147 -3.48 -26.09 -16.27
CA VAL A 147 -4.24 -27.09 -17.02
C VAL A 147 -4.42 -26.61 -18.46
N ALA A 148 -4.88 -25.37 -18.63
CA ALA A 148 -5.02 -24.75 -19.95
C ALA A 148 -3.74 -24.76 -20.81
N MET A 149 -2.64 -24.27 -20.25
CA MET A 149 -1.35 -24.26 -20.96
C MET A 149 -0.87 -25.65 -21.39
N LEU A 150 -0.93 -26.61 -20.48
CA LEU A 150 -0.54 -28.01 -20.80
C LEU A 150 -1.43 -28.65 -21.86
N ALA A 151 -2.73 -28.36 -21.81
CA ALA A 151 -3.64 -28.93 -22.77
C ALA A 151 -3.40 -28.35 -24.16
N CYS A 152 -3.10 -27.05 -24.22
CA CYS A 152 -2.68 -26.46 -25.47
C CYS A 152 -1.44 -27.17 -26.06
N ALA A 153 -0.42 -27.38 -25.22
CA ALA A 153 0.78 -28.02 -25.68
C ALA A 153 0.52 -29.47 -26.07
N ARG A 154 -0.41 -30.13 -25.37
CA ARG A 154 -0.72 -31.53 -25.61
C ARG A 154 -1.16 -31.78 -27.05
N ILE A 155 -2.04 -30.91 -27.53
CA ILE A 155 -2.65 -30.98 -28.86
C ILE A 155 -1.87 -30.16 -29.88
N GLY A 156 -0.79 -29.53 -29.43
CA GLY A 156 0.04 -28.74 -30.35
C GLY A 156 -0.51 -27.38 -30.71
N ALA A 157 -1.53 -26.91 -30.00
CA ALA A 157 -1.94 -25.51 -30.20
C ALA A 157 -0.86 -24.59 -29.59
N VAL A 158 -0.96 -23.29 -29.86
CA VAL A 158 0.08 -22.36 -29.48
C VAL A 158 -0.53 -21.38 -28.51
N HIS A 159 -0.29 -21.61 -27.22
CA HIS A 159 -0.89 -20.76 -26.22
C HIS A 159 -0.20 -19.40 -26.14
N SER A 160 -0.99 -18.35 -25.89
CA SER A 160 -0.43 -17.03 -25.62
C SER A 160 -0.94 -16.54 -24.28
N VAL A 161 -0.09 -16.63 -23.25
CA VAL A 161 -0.50 -16.26 -21.92
C VAL A 161 -0.29 -14.76 -21.77
N ILE A 162 -1.36 -14.07 -21.40
CA ILE A 162 -1.41 -12.64 -21.21
C ILE A 162 -1.57 -12.41 -19.70
N PHE A 163 -0.64 -11.64 -19.15
CA PHE A 163 -0.55 -11.38 -17.72
C PHE A 163 -1.79 -10.64 -17.26
N GLY A 164 -2.40 -11.20 -16.21
CA GLY A 164 -3.66 -10.71 -15.64
C GLY A 164 -3.74 -9.20 -15.40
N GLY A 165 -2.61 -8.56 -15.15
CA GLY A 165 -2.56 -7.14 -14.83
C GLY A 165 -2.61 -6.24 -16.05
N PHE A 166 -2.68 -6.78 -17.25
CA PHE A 166 -2.84 -5.94 -18.44
C PHE A 166 -4.29 -5.43 -18.55
N SER A 167 -4.42 -4.18 -19.00
CA SER A 167 -5.71 -3.53 -19.29
C SER A 167 -6.44 -4.18 -20.50
N PRO A 168 -7.74 -3.93 -20.65
CA PRO A 168 -8.46 -4.37 -21.88
C PRO A 168 -7.73 -4.04 -23.21
N GLU A 169 -7.35 -2.78 -23.37
CA GLU A 169 -6.61 -2.31 -24.53
C GLU A 169 -5.34 -3.15 -24.80
N ALA A 170 -4.63 -3.55 -23.74
CA ALA A 170 -3.43 -4.39 -23.89
C ALA A 170 -3.77 -5.83 -24.28
N VAL A 171 -4.80 -6.40 -23.64
CA VAL A 171 -5.32 -7.71 -24.05
C VAL A 171 -5.68 -7.71 -25.55
N ALA A 172 -6.47 -6.73 -26.01
CA ALA A 172 -6.98 -6.75 -27.37
C ALA A 172 -5.85 -6.75 -28.40
N GLY A 173 -4.83 -5.94 -28.15
CA GLY A 173 -3.66 -5.84 -29.04
C GLY A 173 -3.02 -7.21 -29.20
N ARG A 174 -2.81 -7.91 -28.09
CA ARG A 174 -2.24 -9.23 -28.14
C ARG A 174 -3.14 -10.22 -28.91
N ILE A 175 -4.46 -10.07 -28.75
CA ILE A 175 -5.41 -10.92 -29.47
C ILE A 175 -5.34 -10.66 -30.98
N ILE A 176 -5.28 -9.38 -31.35
CA ILE A 176 -5.25 -8.98 -32.77
C ILE A 176 -3.97 -9.46 -33.47
N ASP A 177 -2.82 -9.17 -32.86
CA ASP A 177 -1.56 -9.57 -33.47
C ASP A 177 -1.48 -11.09 -33.57
N SER A 178 -2.04 -11.82 -32.62
CA SER A 178 -1.91 -13.29 -32.64
C SER A 178 -3.02 -14.03 -33.42
N SER A 179 -4.13 -13.35 -33.70
CA SER A 179 -5.31 -13.99 -34.31
C SER A 179 -5.79 -15.16 -33.42
N SER A 180 -5.80 -14.94 -32.11
CA SER A 180 -6.34 -15.92 -31.14
C SER A 180 -7.78 -16.28 -31.47
N ARG A 181 -8.06 -17.59 -31.43
CA ARG A 181 -9.35 -18.13 -31.83
C ARG A 181 -10.29 -18.29 -30.62
N LEU A 182 -9.67 -18.19 -29.45
CA LEU A 182 -10.23 -18.50 -28.16
C LEU A 182 -9.55 -17.65 -27.08
N VAL A 183 -10.33 -17.22 -26.09
CA VAL A 183 -9.78 -16.64 -24.86
C VAL A 183 -10.20 -17.54 -23.68
N ILE A 184 -9.24 -17.91 -22.85
CA ILE A 184 -9.53 -18.64 -21.61
C ILE A 184 -9.24 -17.74 -20.44
N THR A 185 -10.24 -17.53 -19.59
CA THR A 185 -10.11 -16.60 -18.49
C THR A 185 -10.87 -17.07 -17.28
N ALA A 186 -11.03 -16.18 -16.31
CA ALA A 186 -11.78 -16.46 -15.09
C ALA A 186 -12.76 -15.31 -14.82
N ASP A 187 -13.81 -15.56 -14.03
CA ASP A 187 -14.71 -14.48 -13.63
C ASP A 187 -13.96 -13.37 -12.93
N GLU A 188 -13.21 -13.73 -11.88
CA GLU A 188 -12.33 -12.79 -11.17
C GLU A 188 -11.10 -13.51 -10.65
N GLY A 189 -10.01 -12.77 -10.49
CA GLY A 189 -8.85 -13.26 -9.77
C GLY A 189 -8.94 -12.72 -8.36
N VAL A 190 -8.25 -13.36 -7.42
CA VAL A 190 -8.19 -12.90 -6.04
C VAL A 190 -6.72 -12.64 -5.72
N ARG A 191 -6.44 -11.44 -5.22
CA ARG A 191 -5.08 -11.03 -4.87
C ARG A 191 -5.18 -10.00 -3.74
N ALA A 192 -4.36 -10.23 -2.70
CA ALA A 192 -4.34 -9.39 -1.48
C ALA A 192 -5.72 -9.06 -0.85
N GLY A 193 -6.67 -10.00 -0.85
CA GLY A 193 -8.02 -9.82 -0.26
C GLY A 193 -9.02 -9.10 -1.16
N ARG A 194 -8.59 -8.85 -2.39
CA ARG A 194 -9.34 -8.10 -3.39
C ARG A 194 -9.56 -8.92 -4.65
N SER A 195 -10.62 -8.54 -5.37
CA SER A 195 -11.04 -9.10 -6.65
C SER A 195 -10.41 -8.38 -7.82
N ILE A 196 -9.91 -9.14 -8.78
CA ILE A 196 -9.45 -8.57 -10.03
C ILE A 196 -10.49 -8.89 -11.13
N PRO A 197 -11.04 -7.84 -11.79
CA PRO A 197 -12.08 -8.05 -12.80
C PRO A 197 -11.61 -8.64 -14.14
N LEU A 198 -11.14 -9.89 -14.13
CA LEU A 198 -10.66 -10.53 -15.35
C LEU A 198 -11.66 -10.63 -16.51
N LYS A 199 -12.79 -11.31 -16.31
CA LYS A 199 -13.78 -11.54 -17.38
C LYS A 199 -14.34 -10.21 -17.94
N LYS A 200 -14.72 -9.29 -17.07
CA LYS A 200 -15.07 -7.95 -17.52
C LYS A 200 -13.97 -7.32 -18.41
N ASN A 201 -12.70 -7.46 -18.04
CA ASN A 201 -11.60 -6.96 -18.89
C ASN A 201 -11.62 -7.64 -20.25
N VAL A 202 -11.95 -8.92 -20.25
CA VAL A 202 -12.06 -9.66 -21.51
C VAL A 202 -13.24 -9.09 -22.28
N ASP A 203 -14.34 -8.82 -21.58
CA ASP A 203 -15.51 -8.21 -22.26
C ASP A 203 -15.05 -6.96 -23.01
N ASP A 204 -14.46 -6.01 -22.29
CA ASP A 204 -14.05 -4.75 -22.87
C ASP A 204 -13.05 -4.90 -24.01
N ALA A 205 -12.02 -5.74 -23.86
CA ALA A 205 -11.07 -6.00 -24.96
C ALA A 205 -11.77 -6.49 -26.25
N LEU A 206 -12.77 -7.36 -26.09
CA LEU A 206 -13.45 -7.96 -27.24
C LEU A 206 -14.41 -7.03 -28.01
N LYS A 207 -14.59 -5.80 -27.51
CA LYS A 207 -15.43 -4.79 -28.18
C LYS A 207 -14.67 -3.89 -29.13
N ASN A 208 -13.34 -3.89 -29.01
CA ASN A 208 -12.45 -3.21 -29.93
C ASN A 208 -12.74 -3.71 -31.33
N PRO A 209 -13.02 -2.80 -32.27
CA PRO A 209 -13.57 -3.23 -33.56
C PRO A 209 -12.61 -4.10 -34.36
N ASN A 210 -11.34 -4.10 -34.00
CA ASN A 210 -10.35 -4.81 -34.77
C ASN A 210 -10.22 -6.29 -34.40
N VAL A 211 -10.66 -6.64 -33.21
CA VAL A 211 -10.70 -8.04 -32.80
C VAL A 211 -11.73 -8.77 -33.68
N THR A 212 -11.24 -9.75 -34.43
CA THR A 212 -12.06 -10.48 -35.40
C THR A 212 -11.90 -12.01 -35.34
N SER A 213 -10.95 -12.49 -34.54
CA SER A 213 -10.54 -13.89 -34.57
C SER A 213 -11.16 -14.76 -33.50
N VAL A 214 -11.76 -14.13 -32.48
CA VAL A 214 -12.17 -14.88 -31.29
C VAL A 214 -13.55 -15.41 -31.51
N GLU A 215 -13.70 -16.71 -31.30
CA GLU A 215 -14.98 -17.37 -31.51
C GLU A 215 -15.65 -17.67 -30.16
N HIS A 216 -14.85 -18.09 -29.18
CA HIS A 216 -15.36 -18.39 -27.84
C HIS A 216 -14.45 -17.87 -26.76
N VAL A 217 -15.05 -17.54 -25.61
CA VAL A 217 -14.33 -17.24 -24.39
C VAL A 217 -14.75 -18.36 -23.43
N ILE A 218 -13.78 -19.02 -22.79
CA ILE A 218 -14.06 -20.01 -21.76
C ILE A 218 -13.75 -19.37 -20.45
N VAL A 219 -14.67 -19.49 -19.50
CA VAL A 219 -14.61 -18.74 -18.24
C VAL A 219 -14.56 -19.68 -17.04
N LEU A 220 -13.53 -19.52 -16.21
CA LEU A 220 -13.48 -20.26 -14.94
C LEU A 220 -14.31 -19.57 -13.87
N LYS A 221 -15.25 -20.29 -13.27
CA LYS A 221 -16.03 -19.74 -12.17
C LYS A 221 -15.17 -19.76 -10.90
N ARG A 222 -14.39 -18.69 -10.69
CA ARG A 222 -13.43 -18.70 -9.60
C ARG A 222 -13.99 -18.10 -8.32
N THR A 223 -14.63 -16.93 -8.41
CA THR A 223 -15.16 -16.27 -7.21
C THR A 223 -16.68 -16.42 -7.14
N GLY A 224 -17.27 -16.69 -8.30
CA GLY A 224 -18.74 -16.76 -8.40
C GLY A 224 -19.39 -15.42 -8.53
N SER A 225 -18.65 -14.40 -8.96
CA SER A 225 -19.16 -13.04 -9.16
C SER A 225 -20.20 -12.85 -10.27
N ASP A 226 -21.07 -11.85 -10.09
CA ASP A 226 -22.01 -11.43 -11.12
C ASP A 226 -21.29 -10.86 -12.34
N ILE A 227 -21.21 -11.62 -13.43
CA ILE A 227 -20.55 -11.10 -14.62
C ILE A 227 -21.53 -11.01 -15.78
N ASP A 228 -21.25 -10.12 -16.72
CA ASP A 228 -21.99 -10.09 -17.99
C ASP A 228 -21.73 -11.37 -18.77
N TRP A 229 -22.71 -11.87 -19.52
CA TRP A 229 -22.54 -13.12 -20.21
C TRP A 229 -23.03 -12.91 -21.65
N GLN A 230 -22.27 -13.36 -22.63
CA GLN A 230 -22.74 -13.32 -24.02
C GLN A 230 -23.04 -14.74 -24.47
N GLU A 231 -24.33 -15.00 -24.67
CA GLU A 231 -24.85 -16.30 -25.03
C GLU A 231 -24.28 -16.78 -26.39
N GLY A 232 -23.80 -18.02 -26.44
CA GLY A 232 -23.16 -18.52 -27.63
C GLY A 232 -21.65 -18.38 -27.58
N ARG A 233 -21.15 -17.17 -27.28
CA ARG A 233 -19.69 -16.95 -27.21
C ARG A 233 -19.06 -17.51 -25.92
N ASP A 234 -19.67 -17.23 -24.77
CA ASP A 234 -19.06 -17.56 -23.48
C ASP A 234 -19.49 -18.93 -22.99
N LEU A 235 -18.51 -19.67 -22.51
CA LEU A 235 -18.69 -21.00 -21.97
C LEU A 235 -18.06 -21.12 -20.57
N TRP A 236 -18.79 -21.71 -19.62
CA TRP A 236 -18.20 -22.00 -18.31
C TRP A 236 -17.22 -23.15 -18.44
N TRP A 237 -16.11 -22.99 -17.72
CA TRP A 237 -15.06 -24.00 -17.65
C TRP A 237 -15.68 -25.32 -17.18
N ARG A 238 -16.42 -25.26 -16.10
CA ARG A 238 -16.97 -26.47 -15.51
C ARG A 238 -17.90 -27.21 -16.49
N ASP A 239 -18.86 -26.50 -17.09
CA ASP A 239 -19.80 -27.12 -18.05
C ASP A 239 -19.06 -27.91 -19.10
N LEU A 240 -17.95 -27.38 -19.57
CA LEU A 240 -17.24 -28.00 -20.68
C LEU A 240 -16.44 -29.22 -20.26
N ILE A 241 -15.56 -29.01 -19.28
CA ILE A 241 -14.65 -30.05 -18.85
C ILE A 241 -15.43 -31.27 -18.28
N GLU A 242 -16.54 -31.00 -17.60
CA GLU A 242 -17.37 -32.07 -17.09
C GLU A 242 -17.80 -33.03 -18.20
N LYS A 243 -18.13 -32.46 -19.37
CA LYS A 243 -18.69 -33.22 -20.49
C LYS A 243 -17.61 -33.93 -21.34
N ALA A 244 -16.35 -33.78 -20.97
CA ALA A 244 -15.23 -34.19 -21.82
C ALA A 244 -14.59 -35.48 -21.32
N SER A 245 -14.22 -36.33 -22.27
CA SER A 245 -13.54 -37.58 -21.95
C SER A 245 -12.17 -37.37 -21.29
N PRO A 246 -11.90 -38.14 -20.25
CA PRO A 246 -10.54 -38.09 -19.67
C PRO A 246 -9.48 -38.89 -20.48
N GLU A 247 -9.89 -39.46 -21.62
CA GLU A 247 -9.01 -40.22 -22.50
C GLU A 247 -8.53 -39.35 -23.64
N HIS A 248 -7.22 -39.31 -23.81
CA HIS A 248 -6.59 -38.57 -24.90
C HIS A 248 -5.19 -39.10 -25.13
N GLN A 249 -4.92 -39.52 -26.36
CA GLN A 249 -3.57 -39.98 -26.69
C GLN A 249 -2.81 -38.75 -27.18
N PRO A 250 -1.58 -38.55 -26.70
CA PRO A 250 -0.78 -37.41 -27.22
C PRO A 250 -0.20 -37.70 -28.62
N GLU A 251 -0.38 -36.80 -29.57
CA GLU A 251 0.21 -37.00 -30.89
C GLU A 251 1.64 -36.48 -30.93
N ALA A 252 2.49 -37.08 -31.76
CA ALA A 252 3.85 -36.57 -31.95
C ALA A 252 3.82 -35.12 -32.44
N MET A 253 4.64 -34.27 -31.84
CA MET A 253 4.87 -32.93 -32.38
C MET A 253 6.30 -32.89 -32.88
N ASN A 254 6.54 -32.13 -33.95
CA ASN A 254 7.90 -31.96 -34.38
C ASN A 254 8.68 -31.04 -33.43
N ALA A 255 9.96 -31.35 -33.21
CA ALA A 255 10.81 -30.59 -32.26
C ALA A 255 10.76 -29.07 -32.48
N GLU A 256 10.61 -28.67 -33.74
CA GLU A 256 10.54 -27.26 -34.13
C GLU A 256 9.10 -26.76 -34.30
N ASP A 257 8.11 -27.53 -33.84
CA ASP A 257 6.75 -27.03 -33.83
C ASP A 257 6.59 -25.93 -32.79
N PRO A 258 5.86 -24.86 -33.14
CA PRO A 258 5.62 -23.72 -32.22
C PRO A 258 4.95 -24.20 -30.95
N LEU A 259 5.46 -23.74 -29.81
CA LEU A 259 4.94 -24.18 -28.52
C LEU A 259 4.11 -23.06 -27.93
N PHE A 260 4.71 -21.88 -27.82
CA PHE A 260 3.99 -20.70 -27.36
C PHE A 260 4.54 -19.37 -27.87
N ILE A 261 3.70 -18.34 -27.69
CA ILE A 261 4.04 -16.94 -27.94
C ILE A 261 3.98 -16.23 -26.60
N LEU A 262 5.00 -15.41 -26.30
CA LEU A 262 4.93 -14.46 -25.20
C LEU A 262 5.24 -13.04 -25.67
N TYR A 263 4.21 -12.20 -25.63
CA TYR A 263 4.36 -10.79 -25.90
C TYR A 263 5.30 -10.08 -24.91
N THR A 264 6.30 -9.41 -25.47
CA THR A 264 7.40 -8.80 -24.73
C THR A 264 7.70 -7.40 -25.24
N SER A 265 7.94 -6.50 -24.29
CA SER A 265 8.33 -5.13 -24.59
C SER A 265 9.75 -5.07 -25.15
N GLY A 266 9.92 -4.25 -26.17
CA GLY A 266 11.25 -3.98 -26.71
C GLY A 266 11.55 -2.51 -26.76
N SER A 267 12.74 -2.20 -27.31
CA SER A 267 13.25 -0.84 -27.47
C SER A 267 12.36 0.05 -28.35
N THR A 268 11.86 -0.52 -29.45
CA THR A 268 10.97 0.18 -30.40
C THR A 268 9.62 -0.50 -30.39
N GLY A 269 8.64 0.18 -30.99
CA GLY A 269 7.30 -0.36 -31.26
C GLY A 269 6.52 -0.85 -30.05
N LYS A 270 5.41 -1.51 -30.34
CA LYS A 270 4.60 -2.09 -29.30
C LYS A 270 5.10 -3.53 -29.07
N PRO A 271 4.64 -4.18 -27.99
CA PRO A 271 5.32 -5.43 -27.68
C PRO A 271 5.10 -6.50 -28.77
N LYS A 272 6.13 -7.33 -28.99
CA LYS A 272 6.12 -8.38 -30.02
C LYS A 272 6.07 -9.80 -29.44
N GLY A 273 5.55 -10.73 -30.22
CA GLY A 273 5.28 -12.06 -29.72
C GLY A 273 6.45 -13.00 -29.89
N VAL A 274 7.27 -13.10 -28.83
CA VAL A 274 8.43 -13.96 -28.82
C VAL A 274 7.96 -15.41 -28.92
N LEU A 275 8.45 -16.12 -29.94
CA LEU A 275 8.04 -17.50 -30.20
C LEU A 275 9.04 -18.57 -29.75
N HIS A 276 8.54 -19.57 -29.01
CA HIS A 276 9.33 -20.77 -28.70
C HIS A 276 8.77 -22.03 -29.37
N THR A 277 9.69 -22.89 -29.80
CA THR A 277 9.31 -24.21 -30.26
C THR A 277 9.38 -25.18 -29.09
N THR A 278 9.45 -26.46 -29.38
CA THR A 278 9.12 -27.49 -28.41
C THR A 278 10.31 -28.26 -27.84
N GLY A 279 11.13 -28.85 -28.71
CA GLY A 279 12.17 -29.80 -28.26
C GLY A 279 13.30 -29.11 -27.51
N GLY A 280 14.02 -28.24 -28.25
CA GLY A 280 15.07 -27.40 -27.73
C GLY A 280 14.62 -26.66 -26.49
N TYR A 281 13.46 -25.99 -26.55
CA TYR A 281 12.95 -25.25 -25.38
C TYR A 281 12.85 -26.12 -24.14
N LEU A 282 12.24 -27.28 -24.29
CA LEU A 282 11.95 -28.13 -23.16
C LEU A 282 13.17 -28.83 -22.55
N VAL A 283 14.08 -29.31 -23.39
CA VAL A 283 15.35 -29.84 -22.90
C VAL A 283 16.05 -28.78 -22.08
N TYR A 284 16.13 -27.57 -22.63
CA TYR A 284 16.83 -26.47 -21.95
C TYR A 284 16.17 -26.09 -20.62
N ALA A 285 14.83 -26.00 -20.62
CA ALA A 285 14.07 -25.71 -19.37
C ALA A 285 14.36 -26.75 -18.30
N ALA A 286 14.18 -28.02 -18.65
CA ALA A 286 14.38 -29.12 -17.73
C ALA A 286 15.81 -29.19 -17.21
N THR A 287 16.75 -29.01 -18.12
CA THR A 287 18.17 -29.09 -17.82
C THR A 287 18.61 -28.00 -16.86
N THR A 288 18.33 -26.75 -17.21
CA THR A 288 18.62 -25.61 -16.34
C THR A 288 17.92 -25.74 -15.00
N PHE A 289 16.66 -26.17 -15.00
CA PHE A 289 15.97 -26.37 -13.75
C PHE A 289 16.70 -27.36 -12.85
N LYS A 290 17.01 -28.51 -13.42
CA LYS A 290 17.65 -29.58 -12.67
C LYS A 290 18.92 -29.12 -12.02
N TYR A 291 19.84 -28.60 -12.81
CA TYR A 291 21.19 -28.37 -12.33
C TYR A 291 21.34 -27.08 -11.53
N VAL A 292 20.56 -26.04 -11.86
CA VAL A 292 20.71 -24.76 -11.15
C VAL A 292 20.02 -24.79 -9.81
N PHE A 293 18.85 -25.44 -9.72
CA PHE A 293 18.19 -25.58 -8.42
C PHE A 293 18.64 -26.82 -7.65
N ASP A 294 19.61 -27.53 -8.20
CA ASP A 294 20.12 -28.78 -7.64
C ASP A 294 18.98 -29.68 -7.20
N TYR A 295 18.06 -29.89 -8.15
CA TYR A 295 16.84 -30.65 -7.91
C TYR A 295 17.00 -32.15 -7.74
N HIS A 296 16.54 -32.64 -6.57
CA HIS A 296 16.53 -34.05 -6.20
C HIS A 296 15.08 -34.47 -5.99
N PRO A 297 14.73 -35.72 -6.37
CA PRO A 297 13.34 -36.17 -6.21
C PRO A 297 12.89 -35.89 -4.78
N GLY A 298 11.64 -35.42 -4.62
CA GLY A 298 11.10 -35.06 -3.31
C GLY A 298 11.34 -33.61 -2.84
N ASP A 299 12.18 -32.85 -3.54
CA ASP A 299 12.41 -31.45 -3.19
C ASP A 299 11.19 -30.62 -3.48
N ILE A 300 10.68 -29.90 -2.48
CA ILE A 300 9.54 -29.03 -2.70
C ILE A 300 10.07 -27.71 -3.24
N TYR A 301 9.58 -27.35 -4.43
CA TYR A 301 10.07 -26.23 -5.20
C TYR A 301 9.02 -25.14 -5.39
N TRP A 302 9.43 -23.89 -5.14
CA TRP A 302 8.52 -22.74 -5.27
C TRP A 302 9.13 -21.56 -6.00
N CYS A 303 8.60 -21.31 -7.20
CA CYS A 303 8.91 -20.12 -7.98
C CYS A 303 7.73 -19.17 -7.80
N THR A 304 7.97 -17.90 -7.48
CA THR A 304 6.89 -16.97 -7.12
C THR A 304 6.32 -16.20 -8.31
N ALA A 305 7.00 -16.31 -9.45
CA ALA A 305 6.66 -15.54 -10.63
C ALA A 305 5.35 -15.96 -11.24
N ASP A 306 4.68 -14.99 -11.85
CA ASP A 306 3.37 -15.19 -12.42
C ASP A 306 3.47 -15.98 -13.74
N VAL A 307 2.54 -16.91 -13.87
CA VAL A 307 2.28 -17.68 -15.06
C VAL A 307 2.32 -16.81 -16.34
N GLY A 308 2.00 -15.52 -16.22
CA GLY A 308 2.02 -14.61 -17.38
C GLY A 308 3.37 -14.17 -17.90
N TRP A 309 4.45 -14.58 -17.25
CA TRP A 309 5.81 -14.21 -17.68
C TRP A 309 6.62 -15.44 -18.00
N VAL A 310 7.75 -15.26 -18.68
CA VAL A 310 8.54 -16.40 -19.09
C VAL A 310 9.04 -17.26 -17.91
N THR A 311 9.34 -16.63 -16.77
CA THR A 311 9.80 -17.35 -15.60
C THR A 311 8.67 -18.30 -15.14
N GLY A 312 7.43 -17.84 -15.35
CA GLY A 312 6.24 -18.58 -15.05
C GLY A 312 6.08 -19.74 -16.00
N HIS A 313 6.49 -19.55 -17.25
CA HIS A 313 6.45 -20.63 -18.22
C HIS A 313 7.56 -21.69 -17.94
N SER A 314 8.82 -21.24 -17.91
CA SER A 314 9.96 -22.16 -17.79
C SER A 314 10.18 -22.70 -16.39
N TYR A 315 10.05 -21.85 -15.37
CA TYR A 315 10.38 -22.29 -14.00
C TYR A 315 9.25 -22.44 -13.00
N LEU A 316 8.02 -22.07 -13.37
CA LEU A 316 6.86 -22.45 -12.56
C LEU A 316 6.38 -23.82 -13.05
N LEU A 317 6.03 -23.91 -14.33
CA LEU A 317 5.47 -25.13 -14.89
C LEU A 317 6.44 -26.05 -15.60
N TYR A 318 6.89 -25.68 -16.79
CA TYR A 318 7.42 -26.70 -17.70
C TYR A 318 8.70 -27.40 -17.26
N GLY A 319 9.72 -26.62 -16.88
CA GLY A 319 10.93 -27.20 -16.36
C GLY A 319 10.65 -28.09 -15.17
N PRO A 320 10.08 -27.51 -14.08
CA PRO A 320 9.75 -28.35 -12.89
C PRO A 320 9.05 -29.67 -13.25
N LEU A 321 8.04 -29.61 -14.13
CA LEU A 321 7.20 -30.80 -14.38
C LEU A 321 7.87 -31.81 -15.31
N ALA A 322 8.78 -31.33 -16.16
CA ALA A 322 9.50 -32.26 -17.01
C ALA A 322 10.33 -33.16 -16.11
N CYS A 323 10.88 -32.59 -15.04
CA CYS A 323 11.70 -33.33 -14.07
C CYS A 323 10.93 -34.11 -12.99
N GLY A 324 9.60 -34.03 -13.00
CA GLY A 324 8.76 -34.76 -12.02
C GLY A 324 8.79 -34.12 -10.63
N ALA A 325 9.07 -32.82 -10.56
CA ALA A 325 9.14 -32.13 -9.31
C ALA A 325 7.76 -31.82 -8.75
N THR A 326 7.70 -31.47 -7.46
CA THR A 326 6.53 -30.84 -6.92
C THR A 326 6.78 -29.34 -7.02
N THR A 327 5.82 -28.62 -7.61
CA THR A 327 5.95 -27.19 -7.83
C THR A 327 4.77 -26.47 -7.17
N LEU A 328 5.05 -25.34 -6.54
CA LEU A 328 4.08 -24.62 -5.77
C LEU A 328 3.61 -23.38 -6.55
N MET A 329 2.29 -23.23 -6.66
CA MET A 329 1.68 -22.09 -7.30
C MET A 329 0.94 -21.35 -6.20
N PHE A 330 1.42 -20.15 -5.89
CA PHE A 330 0.83 -19.25 -4.92
C PHE A 330 -0.10 -18.26 -5.64
N GLU A 331 -1.32 -18.12 -5.14
CA GLU A 331 -2.32 -17.28 -5.74
C GLU A 331 -2.08 -15.79 -5.44
N GLY A 332 -1.44 -15.51 -4.30
CA GLY A 332 -1.45 -14.16 -3.69
C GLY A 332 -0.16 -13.38 -3.84
N VAL A 333 0.15 -12.57 -2.85
CA VAL A 333 1.41 -11.79 -2.82
C VAL A 333 2.26 -12.15 -1.61
N PRO A 334 3.60 -12.18 -1.77
CA PRO A 334 4.51 -12.52 -0.64
C PRO A 334 4.33 -11.71 0.66
N ASN A 335 3.63 -10.58 0.63
CA ASN A 335 3.39 -9.82 1.85
C ASN A 335 1.94 -9.52 2.23
N TRP A 336 1.02 -10.39 1.85
CA TRP A 336 -0.33 -10.21 2.33
C TRP A 336 -0.82 -11.52 2.92
N PRO A 337 -1.41 -11.48 4.14
CA PRO A 337 -1.71 -10.35 5.07
C PRO A 337 -0.57 -9.55 5.72
N THR A 338 0.59 -10.19 5.94
CA THR A 338 1.70 -9.60 6.72
C THR A 338 2.95 -9.90 5.92
N PRO A 339 4.07 -9.18 6.20
CA PRO A 339 5.33 -9.50 5.46
C PRO A 339 5.84 -10.93 5.73
N ALA A 340 5.34 -11.56 6.78
CA ALA A 340 5.76 -12.93 7.09
C ALA A 340 5.19 -13.98 6.14
N ARG A 341 4.33 -13.57 5.20
CA ARG A 341 3.60 -14.53 4.37
C ARG A 341 4.51 -15.48 3.58
N MET A 342 5.45 -14.92 2.81
CA MET A 342 6.27 -15.78 1.98
C MET A 342 6.87 -16.90 2.84
N CYS A 343 7.51 -16.53 3.95
CA CYS A 343 8.03 -17.56 4.82
C CYS A 343 6.99 -18.43 5.54
N GLN A 344 5.76 -17.94 5.74
CA GLN A 344 4.69 -18.82 6.25
C GLN A 344 4.40 -19.87 5.22
N VAL A 345 4.43 -19.47 3.95
CA VAL A 345 4.19 -20.41 2.88
C VAL A 345 5.30 -21.43 2.86
N VAL A 346 6.54 -20.96 2.99
CA VAL A 346 7.68 -21.85 3.02
C VAL A 346 7.55 -22.91 4.13
N ASP A 347 7.19 -22.49 5.35
CA ASP A 347 7.01 -23.41 6.49
C ASP A 347 5.83 -24.37 6.28
N LYS A 348 4.71 -23.80 5.85
CA LYS A 348 3.50 -24.60 5.71
C LYS A 348 3.69 -25.76 4.71
N HIS A 349 4.38 -25.54 3.61
CA HIS A 349 4.54 -26.65 2.64
C HIS A 349 5.94 -27.22 2.59
N GLN A 350 6.75 -26.93 3.59
CA GLN A 350 8.08 -27.49 3.70
C GLN A 350 8.86 -27.31 2.39
N VAL A 351 8.90 -26.05 1.93
CA VAL A 351 9.58 -25.69 0.69
C VAL A 351 11.10 -25.82 0.86
N ASN A 352 11.76 -26.47 -0.09
CA ASN A 352 13.23 -26.64 -0.04
C ASN A 352 13.96 -25.74 -1.00
N ILE A 353 13.25 -25.30 -2.06
CA ILE A 353 13.80 -24.37 -3.01
C ILE A 353 12.90 -23.14 -3.21
N LEU A 354 13.45 -21.95 -3.02
CA LEU A 354 12.70 -20.73 -3.22
C LEU A 354 13.39 -19.91 -4.30
N TYR A 355 12.59 -19.49 -5.27
CA TYR A 355 13.08 -18.78 -6.42
C TYR A 355 12.17 -17.55 -6.52
N THR A 356 12.72 -16.37 -6.33
CA THR A 356 11.85 -15.22 -6.27
C THR A 356 12.48 -13.99 -6.85
N ALA A 357 11.85 -12.83 -6.66
CA ALA A 357 12.26 -11.57 -7.35
C ALA A 357 12.86 -10.53 -6.42
N PRO A 358 13.94 -9.88 -6.86
CA PRO A 358 14.54 -8.80 -6.04
C PRO A 358 13.55 -7.72 -5.58
N THR A 359 12.58 -7.37 -6.42
CA THR A 359 11.57 -6.42 -5.97
C THR A 359 10.88 -6.94 -4.72
N ALA A 360 10.39 -8.18 -4.77
CA ALA A 360 9.74 -8.79 -3.60
C ALA A 360 10.71 -8.81 -2.43
N ILE A 361 11.92 -9.31 -2.67
CA ILE A 361 12.95 -9.31 -1.64
C ILE A 361 13.12 -7.95 -0.97
N ARG A 362 13.25 -6.91 -1.79
CA ARG A 362 13.43 -5.52 -1.27
C ARG A 362 12.23 -5.03 -0.46
N ALA A 363 11.02 -5.40 -0.87
CA ALA A 363 9.83 -5.01 -0.13
C ALA A 363 9.79 -5.72 1.20
N LEU A 364 10.12 -7.00 1.21
CA LEU A 364 10.26 -7.74 2.45
C LEU A 364 11.37 -7.16 3.33
N MET A 365 12.47 -6.73 2.69
CA MET A 365 13.62 -6.19 3.43
C MET A 365 13.32 -4.86 4.13
N ALA A 366 12.48 -4.04 3.52
CA ALA A 366 12.05 -2.79 4.14
C ALA A 366 11.42 -3.02 5.51
N GLU A 367 10.75 -4.17 5.68
CA GLU A 367 10.09 -4.56 6.94
C GLU A 367 10.97 -5.35 7.92
N GLY A 368 12.23 -5.59 7.56
CA GLY A 368 13.18 -6.24 8.45
C GLY A 368 12.68 -7.56 9.00
N ASP A 369 12.75 -7.72 10.32
CA ASP A 369 12.41 -9.02 10.94
C ASP A 369 10.92 -9.39 10.89
N LYS A 370 10.09 -8.40 10.56
CA LYS A 370 8.68 -8.65 10.42
C LYS A 370 8.51 -9.62 9.25
N ALA A 371 9.50 -9.70 8.37
CA ALA A 371 9.45 -10.64 7.24
C ALA A 371 9.70 -12.10 7.63
N ILE A 372 10.24 -12.33 8.82
CA ILE A 372 10.57 -13.67 9.27
C ILE A 372 9.96 -14.06 10.63
N GLU A 373 9.34 -13.10 11.31
CA GLU A 373 8.84 -13.32 12.67
C GLU A 373 7.84 -14.46 12.73
N GLY A 374 8.03 -15.35 13.69
CA GLY A 374 7.16 -16.52 13.88
C GLY A 374 7.37 -17.66 12.87
N THR A 375 8.37 -17.53 12.01
CA THR A 375 8.57 -18.55 10.99
C THR A 375 9.86 -19.26 11.24
N ASP A 376 9.98 -20.43 10.64
CA ASP A 376 11.11 -21.28 10.92
C ASP A 376 12.14 -21.30 9.75
N ARG A 377 11.70 -21.57 8.53
CA ARG A 377 12.56 -21.59 7.33
C ARG A 377 13.64 -22.71 7.23
N SER A 378 13.73 -23.62 8.21
CA SER A 378 14.75 -24.69 8.18
C SER A 378 14.67 -25.60 6.96
N SER A 379 13.52 -25.67 6.29
CA SER A 379 13.34 -26.63 5.22
C SER A 379 14.10 -26.19 3.95
N LEU A 380 14.40 -24.90 3.87
CA LEU A 380 15.04 -24.30 2.70
C LEU A 380 16.47 -24.75 2.55
N ARG A 381 16.82 -25.17 1.34
CA ARG A 381 18.23 -25.53 1.00
C ARG A 381 18.85 -24.64 -0.09
N ILE A 382 18.01 -24.05 -0.94
CA ILE A 382 18.47 -23.35 -2.14
C ILE A 382 17.60 -22.11 -2.36
N LEU A 383 18.23 -20.99 -2.70
CA LEU A 383 17.48 -19.80 -3.07
C LEU A 383 17.93 -19.36 -4.43
N GLY A 384 17.01 -18.71 -5.13
CA GLY A 384 17.28 -18.13 -6.40
C GLY A 384 16.67 -16.76 -6.47
N SER A 385 17.31 -15.93 -7.28
CA SER A 385 16.86 -14.57 -7.54
C SER A 385 16.71 -14.40 -9.05
N VAL A 386 15.60 -13.84 -9.51
CA VAL A 386 15.45 -13.63 -10.93
C VAL A 386 14.85 -12.31 -11.33
N GLY A 387 15.19 -11.83 -12.51
CA GLY A 387 14.36 -10.85 -13.22
C GLY A 387 14.87 -9.45 -13.35
N GLU A 388 15.91 -9.15 -12.58
CA GLU A 388 16.46 -7.82 -12.52
C GLU A 388 17.69 -7.83 -11.66
N PRO A 389 18.50 -6.77 -11.75
CA PRO A 389 19.68 -6.91 -10.91
C PRO A 389 19.23 -6.81 -9.45
N ILE A 390 19.96 -7.52 -8.60
CA ILE A 390 19.81 -7.43 -7.18
C ILE A 390 21.13 -6.86 -6.66
N ASN A 391 21.09 -5.82 -5.84
CA ASN A 391 22.34 -5.28 -5.33
C ASN A 391 22.91 -6.08 -4.11
N PRO A 392 24.23 -6.06 -3.93
CA PRO A 392 24.81 -6.90 -2.85
C PRO A 392 24.00 -6.87 -1.52
N GLU A 393 23.57 -5.68 -1.11
CA GLU A 393 22.93 -5.54 0.19
C GLU A 393 21.60 -6.31 0.28
N ALA A 394 20.80 -6.27 -0.77
CA ALA A 394 19.58 -7.08 -0.80
C ALA A 394 19.90 -8.56 -0.97
N TRP A 395 20.89 -8.88 -1.80
CA TRP A 395 21.36 -10.26 -1.88
C TRP A 395 21.78 -10.76 -0.48
N GLU A 396 22.63 -9.98 0.19
CA GLU A 396 23.09 -10.35 1.53
C GLU A 396 21.92 -10.54 2.50
N TRP A 397 20.92 -9.67 2.46
CA TRP A 397 19.81 -9.78 3.43
C TRP A 397 19.00 -11.05 3.15
N TYR A 398 18.79 -11.34 1.87
CA TYR A 398 18.09 -12.54 1.40
C TYR A 398 18.85 -13.81 1.84
N TRP A 399 20.15 -13.85 1.52
CA TRP A 399 21.00 -14.99 1.89
C TRP A 399 20.89 -15.27 3.39
N LYS A 400 20.90 -14.19 4.17
CA LYS A 400 21.01 -14.20 5.63
C LYS A 400 19.69 -14.46 6.36
N LYS A 401 18.62 -13.75 5.97
CA LYS A 401 17.38 -13.84 6.75
C LYS A 401 16.48 -14.95 6.23
N ILE A 402 16.42 -15.09 4.90
CA ILE A 402 15.57 -16.11 4.32
C ILE A 402 16.30 -17.45 4.31
N GLY A 403 17.61 -17.46 4.04
CA GLY A 403 18.36 -18.71 3.93
C GLY A 403 19.15 -19.09 5.18
N LYS A 404 19.01 -18.27 6.23
CA LYS A 404 19.68 -18.48 7.53
C LYS A 404 21.18 -18.73 7.40
N GLU A 405 21.76 -18.10 6.39
CA GLU A 405 23.18 -18.19 6.08
C GLU A 405 23.55 -19.59 5.57
N LYS A 406 22.54 -20.33 5.13
CA LYS A 406 22.76 -21.71 4.77
C LYS A 406 22.58 -22.06 3.29
N CYS A 407 21.98 -21.17 2.51
CA CYS A 407 21.55 -21.55 1.19
C CYS A 407 22.23 -20.79 0.07
N PRO A 408 22.92 -21.50 -0.83
CA PRO A 408 23.39 -20.84 -2.03
C PRO A 408 22.26 -20.02 -2.65
N VAL A 409 22.54 -18.79 -3.09
CA VAL A 409 21.58 -18.03 -3.87
C VAL A 409 22.02 -18.05 -5.33
N VAL A 410 21.15 -18.57 -6.19
CA VAL A 410 21.36 -18.55 -7.61
C VAL A 410 20.66 -17.33 -8.21
N ASP A 411 21.47 -16.34 -8.61
CA ASP A 411 21.03 -15.17 -9.32
C ASP A 411 21.06 -15.54 -10.80
N THR A 412 19.90 -15.68 -11.41
CA THR A 412 19.83 -16.27 -12.75
C THR A 412 19.58 -15.18 -13.77
N TRP A 413 20.54 -14.97 -14.69
CA TRP A 413 20.32 -14.04 -15.80
C TRP A 413 19.85 -14.76 -17.06
N TRP A 414 18.76 -14.25 -17.62
CA TRP A 414 18.21 -14.71 -18.91
C TRP A 414 17.10 -13.76 -19.34
N GLN A 415 16.40 -14.15 -20.41
CA GLN A 415 15.41 -13.27 -21.04
C GLN A 415 14.32 -14.12 -21.65
N THR A 416 13.17 -13.52 -21.86
CA THR A 416 12.14 -14.21 -22.64
C THR A 416 12.72 -14.83 -23.92
N GLU A 417 13.55 -14.07 -24.63
CA GLU A 417 14.12 -14.54 -25.87
C GLU A 417 15.15 -15.62 -25.71
N THR A 418 15.53 -16.01 -24.49
CA THR A 418 16.52 -17.12 -24.33
C THR A 418 15.95 -18.46 -23.80
N GLY A 419 14.68 -18.44 -23.43
CA GLY A 419 14.01 -19.67 -23.09
C GLY A 419 14.37 -20.18 -21.71
N GLY A 420 15.66 -20.15 -21.37
CA GLY A 420 16.09 -20.55 -20.06
C GLY A 420 17.28 -19.78 -19.52
N PHE A 421 17.80 -20.22 -18.37
CA PHE A 421 18.94 -19.56 -17.73
C PHE A 421 20.12 -19.53 -18.64
N MET A 422 20.82 -18.39 -18.62
CA MET A 422 21.96 -18.18 -19.52
C MET A 422 23.27 -18.01 -18.76
N ILE A 423 23.26 -17.14 -17.76
CA ILE A 423 24.40 -16.93 -16.89
C ILE A 423 23.89 -17.05 -15.45
N THR A 424 24.45 -18.00 -14.71
CA THR A 424 23.88 -18.38 -13.44
C THR A 424 24.88 -19.22 -12.66
N PRO A 425 24.84 -19.11 -11.32
CA PRO A 425 25.60 -19.98 -10.47
C PRO A 425 25.03 -21.38 -10.49
N LEU A 426 25.86 -22.37 -10.23
CA LEU A 426 25.37 -23.71 -9.89
C LEU A 426 25.77 -23.89 -8.44
N PRO A 427 24.81 -24.33 -7.60
CA PRO A 427 25.00 -24.19 -6.15
C PRO A 427 26.21 -24.97 -5.56
N GLY A 428 26.56 -26.13 -6.14
CA GLY A 428 27.71 -26.93 -5.70
C GLY A 428 28.95 -26.86 -6.58
N ALA A 429 28.92 -25.98 -7.59
CA ALA A 429 30.03 -25.85 -8.53
C ALA A 429 30.73 -24.52 -8.43
N ILE A 430 29.94 -23.45 -8.26
CA ILE A 430 30.42 -22.05 -8.34
C ILE A 430 30.23 -21.22 -7.02
N GLU A 431 31.35 -20.71 -6.49
CA GLU A 431 31.34 -19.85 -5.30
C GLU A 431 30.67 -18.53 -5.61
N LEU A 432 29.90 -18.01 -4.65
CA LEU A 432 29.01 -16.90 -4.93
C LEU A 432 29.58 -15.52 -4.57
N LYS A 433 29.38 -14.57 -5.48
CA LYS A 433 29.61 -13.17 -5.18
C LYS A 433 28.24 -12.47 -5.17
N ALA A 434 27.95 -11.73 -4.10
CA ALA A 434 26.68 -11.02 -3.97
C ALA A 434 26.39 -10.05 -5.12
N GLY A 435 25.28 -10.26 -5.81
CA GLY A 435 24.92 -9.37 -6.91
C GLY A 435 25.49 -9.78 -8.27
N SER A 436 26.23 -10.89 -8.33
CA SER A 436 26.77 -11.32 -9.61
C SER A 436 26.08 -12.58 -10.11
N ALA A 437 25.66 -12.58 -11.38
CA ALA A 437 25.07 -13.77 -12.01
C ALA A 437 26.07 -14.92 -12.23
N THR A 438 27.35 -14.58 -12.11
CA THR A 438 28.50 -15.50 -12.22
C THR A 438 28.82 -16.01 -13.62
N ARG A 439 28.71 -17.31 -13.84
CA ARG A 439 29.28 -17.91 -15.04
C ARG A 439 28.21 -18.36 -16.01
N PRO A 440 28.55 -18.40 -17.31
CA PRO A 440 27.61 -18.96 -18.31
C PRO A 440 27.23 -20.41 -18.02
N PHE A 441 26.02 -20.78 -18.44
CA PHE A 441 25.53 -22.14 -18.33
C PHE A 441 26.02 -22.92 -19.55
N PHE A 442 25.94 -24.25 -19.46
CA PHE A 442 26.24 -25.14 -20.57
C PHE A 442 25.60 -24.65 -21.89
N GLY A 443 26.42 -24.55 -22.93
CA GLY A 443 25.98 -24.16 -24.28
C GLY A 443 26.02 -22.67 -24.55
N VAL A 444 26.32 -21.87 -23.52
CA VAL A 444 26.14 -20.42 -23.58
C VAL A 444 27.46 -19.73 -23.67
N GLN A 445 27.64 -18.95 -24.76
CA GLN A 445 28.88 -18.25 -25.08
C GLN A 445 28.67 -16.74 -25.04
N PRO A 446 28.82 -16.16 -23.85
CA PRO A 446 28.68 -14.72 -23.71
C PRO A 446 29.93 -14.01 -24.22
N ALA A 447 29.75 -12.76 -24.60
CA ALA A 447 30.88 -11.88 -24.90
C ALA A 447 30.39 -10.46 -24.63
N LEU A 448 31.34 -9.56 -24.45
CA LEU A 448 31.07 -8.15 -24.25
C LEU A 448 31.69 -7.39 -25.41
N VAL A 449 30.95 -6.43 -25.98
CA VAL A 449 31.45 -5.63 -27.09
C VAL A 449 31.25 -4.15 -26.85
N ASP A 450 32.06 -3.30 -27.48
CA ASP A 450 31.87 -1.86 -27.34
C ASP A 450 30.75 -1.51 -28.31
N ASN A 451 30.34 -0.24 -28.33
CA ASN A 451 29.30 0.18 -29.27
C ASN A 451 29.59 -0.01 -30.75
N GLU A 452 30.85 -0.33 -31.11
CA GLU A 452 31.19 -0.64 -32.53
C GLU A 452 31.33 -2.12 -32.85
N GLY A 453 31.07 -2.97 -31.85
CA GLY A 453 31.15 -4.42 -32.03
C GLY A 453 32.47 -5.09 -31.72
N HIS A 454 33.44 -4.29 -31.27
CA HIS A 454 34.77 -4.76 -30.90
C HIS A 454 34.71 -5.61 -29.61
N PRO A 455 35.04 -6.91 -29.70
CA PRO A 455 35.08 -7.72 -28.46
C PRO A 455 36.02 -7.15 -27.39
N GLN A 456 35.57 -7.11 -26.14
CA GLN A 456 36.36 -6.64 -25.00
C GLN A 456 36.92 -7.83 -24.19
N GLU A 457 38.25 -7.90 -24.08
CA GLU A 457 38.92 -9.03 -23.41
C GLU A 457 39.23 -8.67 -21.98
N GLY A 458 39.36 -9.72 -21.16
CA GLY A 458 39.73 -9.58 -19.76
C GLY A 458 38.58 -9.01 -18.94
N ALA A 459 38.93 -8.46 -17.77
CA ALA A 459 37.99 -7.74 -16.94
C ALA A 459 37.66 -6.43 -17.62
N THR A 460 36.40 -6.19 -17.90
CA THR A 460 36.03 -5.10 -18.77
C THR A 460 34.51 -4.88 -18.67
N GLU A 461 34.00 -3.85 -19.35
CA GLU A 461 32.53 -3.76 -19.56
C GLU A 461 32.10 -3.49 -21.00
N GLY A 462 30.86 -3.85 -21.29
CA GLY A 462 30.31 -3.55 -22.59
C GLY A 462 28.94 -4.10 -22.77
N ASN A 463 28.52 -4.14 -24.04
CA ASN A 463 27.23 -4.65 -24.47
C ASN A 463 27.23 -6.17 -24.44
N LEU A 464 26.36 -6.76 -23.62
CA LEU A 464 26.32 -8.22 -23.48
C LEU A 464 25.69 -8.94 -24.68
N VAL A 465 26.51 -9.72 -25.41
CA VAL A 465 26.06 -10.56 -26.55
C VAL A 465 26.28 -12.06 -26.31
N ILE A 466 25.61 -12.90 -27.09
CA ILE A 466 25.81 -14.36 -27.06
C ILE A 466 26.21 -14.78 -28.47
N THR A 467 27.34 -15.49 -28.62
CA THR A 467 28.00 -15.62 -29.94
C THR A 467 27.66 -16.90 -30.68
N ASP A 468 26.88 -17.77 -30.02
CA ASP A 468 26.36 -18.97 -30.68
C ASP A 468 24.99 -19.24 -30.09
N SER A 469 24.24 -20.09 -30.78
CA SER A 469 22.93 -20.51 -30.30
C SER A 469 23.06 -21.46 -29.11
N TRP A 470 21.90 -21.86 -28.58
CA TRP A 470 21.76 -22.78 -27.46
C TRP A 470 20.30 -23.30 -27.55
N PRO A 471 20.05 -24.55 -27.12
CA PRO A 471 18.78 -25.27 -27.38
C PRO A 471 17.47 -24.53 -27.04
N GLY A 472 17.49 -23.67 -26.02
CA GLY A 472 16.25 -23.03 -25.59
C GLY A 472 15.96 -21.69 -26.24
N GLN A 473 16.86 -21.24 -27.12
CA GLN A 473 16.74 -19.93 -27.76
C GLN A 473 15.37 -19.74 -28.46
N ALA A 474 14.83 -18.54 -28.35
CA ALA A 474 13.60 -18.21 -29.10
C ALA A 474 13.89 -18.28 -30.61
N ARG A 475 12.89 -18.67 -31.38
CA ARG A 475 13.12 -19.04 -32.79
C ARG A 475 12.75 -17.93 -33.73
N THR A 476 11.81 -17.07 -33.29
CA THR A 476 11.29 -15.98 -34.11
C THR A 476 10.37 -15.02 -33.34
N LEU A 477 9.96 -13.94 -34.00
CA LEU A 477 8.85 -13.14 -33.50
C LEU A 477 7.66 -13.56 -34.29
N PHE A 478 6.53 -13.76 -33.62
CA PHE A 478 5.31 -14.20 -34.29
C PHE A 478 5.00 -13.39 -35.53
N GLY A 479 4.89 -14.07 -36.67
CA GLY A 479 4.45 -13.44 -37.92
C GLY A 479 5.51 -12.53 -38.53
N ASP A 480 6.68 -12.41 -37.90
CA ASP A 480 7.67 -11.40 -38.29
C ASP A 480 9.15 -11.82 -38.08
N HIS A 481 9.59 -12.85 -38.80
CA HIS A 481 10.97 -13.33 -38.70
C HIS A 481 11.99 -12.27 -39.09
N GLU A 482 11.61 -11.43 -40.05
CA GLU A 482 12.42 -10.29 -40.42
C GLU A 482 12.67 -9.32 -39.26
N ARG A 483 11.65 -9.06 -38.43
CA ARG A 483 11.87 -8.18 -37.28
C ARG A 483 12.78 -8.84 -36.24
N PHE A 484 12.62 -10.16 -36.06
CA PHE A 484 13.53 -10.99 -35.27
C PHE A 484 14.99 -10.82 -35.70
N GLU A 485 15.27 -10.88 -37.01
CA GLU A 485 16.67 -10.72 -37.48
C GLU A 485 17.15 -9.37 -37.02
N GLN A 486 16.36 -8.33 -37.29
CA GLN A 486 16.83 -6.96 -37.06
C GLN A 486 16.89 -6.53 -35.61
N THR A 487 15.90 -6.95 -34.82
CA THR A 487 15.89 -6.58 -33.42
C THR A 487 17.09 -7.16 -32.70
N TYR A 488 17.50 -8.37 -33.05
CA TYR A 488 18.49 -9.08 -32.25
C TYR A 488 19.81 -9.39 -32.94
N PHE A 489 19.83 -9.44 -34.27
CA PHE A 489 21.02 -9.93 -35.00
C PHE A 489 21.55 -8.91 -36.03
N SER A 490 21.23 -7.62 -35.86
CA SER A 490 21.69 -6.58 -36.78
C SER A 490 22.61 -5.51 -36.18
N THR A 491 22.57 -5.31 -34.88
CA THR A 491 23.49 -4.34 -34.25
C THR A 491 24.91 -4.88 -34.32
N PHE A 492 25.07 -6.15 -33.95
CA PHE A 492 26.37 -6.79 -33.92
C PHE A 492 26.24 -8.03 -34.77
N LYS A 493 26.72 -7.92 -36.03
CA LYS A 493 26.51 -8.94 -37.04
C LYS A 493 27.09 -10.27 -36.57
N ASN A 494 26.31 -11.34 -36.76
CA ASN A 494 26.65 -12.73 -36.35
C ASN A 494 26.48 -13.03 -34.88
N MET A 495 25.86 -12.12 -34.15
CA MET A 495 25.74 -12.26 -32.72
C MET A 495 24.34 -11.94 -32.19
N TYR A 496 23.94 -12.67 -31.14
CA TYR A 496 22.72 -12.34 -30.40
C TYR A 496 22.97 -11.18 -29.44
N PHE A 497 22.32 -10.04 -29.66
CA PHE A 497 22.46 -8.86 -28.76
C PHE A 497 21.33 -8.85 -27.74
N SER A 498 21.65 -8.95 -26.46
CA SER A 498 20.62 -9.08 -25.41
C SER A 498 19.84 -7.79 -25.12
N GLY A 499 20.43 -6.63 -25.45
CA GLY A 499 19.94 -5.32 -24.98
C GLY A 499 20.49 -4.90 -23.62
N ASP A 500 21.20 -5.82 -22.96
CA ASP A 500 21.77 -5.57 -21.64
C ASP A 500 23.22 -5.12 -21.70
N GLY A 501 23.63 -4.40 -20.67
CA GLY A 501 25.05 -4.06 -20.47
C GLY A 501 25.56 -4.96 -19.36
N ALA A 502 26.85 -5.28 -19.38
CA ALA A 502 27.42 -6.11 -18.31
C ALA A 502 28.87 -5.76 -18.01
N ARG A 503 29.27 -6.07 -16.78
CA ARG A 503 30.67 -6.02 -16.38
C ARG A 503 31.18 -7.46 -16.17
N ARG A 504 32.36 -7.76 -16.72
CA ARG A 504 33.07 -9.00 -16.37
C ARG A 504 34.31 -8.71 -15.51
N ASP A 505 34.44 -9.42 -14.39
CA ASP A 505 35.59 -9.22 -13.49
C ASP A 505 36.74 -10.19 -13.80
N GLU A 506 37.79 -10.20 -12.99
CA GLU A 506 39.00 -10.98 -13.30
C GLU A 506 38.79 -12.51 -13.26
N ASP A 507 37.82 -12.95 -12.44
CA ASP A 507 37.42 -14.36 -12.39
C ASP A 507 36.53 -14.73 -13.57
N GLY A 508 36.10 -13.75 -14.36
CA GLY A 508 35.21 -14.06 -15.47
C GLY A 508 33.75 -14.13 -15.03
N TYR A 509 33.45 -13.56 -13.86
CA TYR A 509 32.08 -13.40 -13.40
C TYR A 509 31.40 -12.20 -14.05
N TYR A 510 30.20 -12.41 -14.55
CA TYR A 510 29.40 -11.33 -15.12
C TYR A 510 28.58 -10.63 -14.05
N TRP A 511 28.45 -9.33 -14.24
CA TRP A 511 27.66 -8.48 -13.39
C TRP A 511 26.80 -7.73 -14.39
N ILE A 512 25.52 -8.08 -14.45
CA ILE A 512 24.60 -7.46 -15.38
C ILE A 512 24.17 -6.13 -14.81
N THR A 513 24.42 -5.06 -15.55
CA THR A 513 24.12 -3.74 -15.06
C THR A 513 22.81 -3.11 -15.57
N GLY A 514 22.00 -3.87 -16.34
CA GLY A 514 20.75 -3.31 -16.83
C GLY A 514 20.73 -3.10 -18.31
N ARG A 515 19.58 -2.70 -18.81
CA ARG A 515 19.40 -2.52 -20.25
C ARG A 515 20.13 -1.29 -20.80
N VAL A 516 20.76 -1.45 -21.96
CA VAL A 516 21.45 -0.35 -22.62
C VAL A 516 20.57 0.22 -23.72
N ASP A 517 19.44 -0.43 -23.99
CA ASP A 517 18.51 0.19 -24.92
C ASP A 517 17.37 0.92 -24.17
N ASP A 518 16.36 1.39 -24.89
CA ASP A 518 15.34 2.21 -24.26
C ASP A 518 14.26 1.35 -23.64
N VAL A 519 14.72 0.43 -22.79
CA VAL A 519 13.84 -0.50 -22.10
C VAL A 519 14.00 -0.31 -20.60
N LEU A 520 12.89 -0.21 -19.89
CA LEU A 520 12.91 -0.08 -18.43
C LEU A 520 12.67 -1.38 -17.70
N ASN A 521 13.12 -1.44 -16.46
CA ASN A 521 12.84 -2.58 -15.63
C ASN A 521 12.13 -2.09 -14.38
N VAL A 522 10.81 -2.20 -14.40
CA VAL A 522 9.99 -1.68 -13.31
C VAL A 522 9.36 -2.82 -12.50
N SER A 523 9.74 -2.91 -11.23
CA SER A 523 9.37 -4.04 -10.35
C SER A 523 9.74 -5.38 -10.94
N GLY A 524 10.81 -5.42 -11.73
CA GLY A 524 11.17 -6.64 -12.46
C GLY A 524 10.28 -6.94 -13.65
N HIS A 525 9.53 -5.95 -14.13
CA HIS A 525 8.81 -6.06 -15.38
C HIS A 525 9.55 -5.25 -16.44
N ARG A 526 9.75 -5.86 -17.61
CA ARG A 526 10.42 -5.25 -18.72
C ARG A 526 9.39 -4.40 -19.47
N LEU A 527 9.69 -3.11 -19.70
CA LEU A 527 8.77 -2.18 -20.38
C LEU A 527 9.45 -1.24 -21.37
N GLY A 528 8.87 -1.02 -22.54
CA GLY A 528 9.51 -0.16 -23.52
C GLY A 528 9.17 1.28 -23.20
N THR A 529 10.16 2.17 -23.15
CA THR A 529 9.83 3.60 -22.97
C THR A 529 8.96 4.09 -24.12
N ALA A 530 9.23 3.63 -25.34
CA ALA A 530 8.48 4.13 -26.48
C ALA A 530 6.99 3.81 -26.39
N GLU A 531 6.66 2.67 -25.80
CA GLU A 531 5.25 2.25 -25.72
C GLU A 531 4.47 3.04 -24.67
N ILE A 532 5.19 3.53 -23.67
CA ILE A 532 4.57 4.38 -22.64
C ILE A 532 4.31 5.78 -23.19
N GLU A 533 5.27 6.30 -23.97
CA GLU A 533 5.15 7.59 -24.67
C GLU A 533 3.97 7.64 -25.64
N SER A 534 3.88 6.65 -26.53
CA SER A 534 2.67 6.43 -27.34
C SER A 534 1.36 6.39 -26.53
N ALA A 535 1.38 5.71 -25.39
CA ALA A 535 0.18 5.66 -24.56
C ALA A 535 -0.17 7.07 -24.00
N LEU A 536 0.88 7.85 -23.67
CA LEU A 536 0.71 9.26 -23.23
C LEU A 536 0.19 10.15 -24.35
N VAL A 537 0.84 10.11 -25.52
CA VAL A 537 0.50 10.93 -26.68
C VAL A 537 -0.88 10.57 -27.26
N ALA A 538 -1.38 9.35 -27.00
CA ALA A 538 -2.75 9.00 -27.46
C ALA A 538 -3.81 9.76 -26.66
N HIS A 539 -3.39 10.38 -25.55
CA HIS A 539 -4.26 11.25 -24.76
C HIS A 539 -4.54 12.54 -25.53
N PRO A 540 -5.83 12.93 -25.65
CA PRO A 540 -6.21 14.04 -26.53
C PRO A 540 -5.63 15.38 -26.08
N LYS A 541 -5.20 15.44 -24.83
CA LYS A 541 -4.57 16.64 -24.27
C LYS A 541 -3.05 16.66 -24.39
N ILE A 542 -2.43 15.51 -24.59
CA ILE A 542 -0.96 15.44 -24.74
C ILE A 542 -0.48 15.59 -26.19
N ALA A 543 0.60 16.35 -26.37
CA ALA A 543 1.28 16.52 -27.67
C ALA A 543 2.50 15.61 -27.86
N GLU A 544 3.37 15.62 -26.86
CA GLU A 544 4.62 14.89 -26.89
C GLU A 544 4.92 14.43 -25.49
N ALA A 545 5.60 13.30 -25.39
CA ALA A 545 6.16 12.85 -24.12
C ALA A 545 7.46 12.11 -24.32
N ALA A 546 8.33 12.22 -23.33
CA ALA A 546 9.54 11.42 -23.26
C ALA A 546 9.59 10.79 -21.87
N VAL A 547 9.83 9.49 -21.87
CA VAL A 547 9.81 8.71 -20.65
C VAL A 547 11.18 8.17 -20.36
N VAL A 548 11.58 8.29 -19.10
CA VAL A 548 12.83 7.69 -18.64
C VAL A 548 12.58 6.90 -17.36
N GLY A 549 13.56 6.07 -17.02
CA GLY A 549 13.63 5.44 -15.71
C GLY A 549 14.50 6.24 -14.73
N ILE A 550 14.07 6.27 -13.47
CA ILE A 550 14.85 6.78 -12.35
C ILE A 550 15.01 5.65 -11.33
N PRO A 551 16.09 5.66 -10.54
CA PRO A 551 16.24 4.67 -9.47
C PRO A 551 15.10 4.69 -8.44
N HIS A 552 14.69 3.52 -7.96
CA HIS A 552 13.65 3.42 -6.94
C HIS A 552 14.02 2.31 -5.96
N ALA A 553 13.98 2.65 -4.67
CA ALA A 553 14.43 1.74 -3.62
C ALA A 553 13.82 0.33 -3.70
N ILE A 554 12.51 0.23 -3.86
CA ILE A 554 11.84 -1.08 -3.87
C ILE A 554 11.81 -1.63 -5.28
N LYS A 555 11.26 -0.81 -6.18
CA LYS A 555 10.91 -1.19 -7.55
C LYS A 555 12.08 -1.33 -8.55
N GLY A 556 13.26 -0.81 -8.21
CA GLY A 556 14.44 -0.81 -9.10
C GLY A 556 14.49 0.48 -9.92
N GLN A 557 13.50 0.62 -10.79
CA GLN A 557 13.28 1.84 -11.57
C GLN A 557 11.80 2.20 -11.45
N ALA A 558 11.51 3.48 -11.37
CA ALA A 558 10.16 3.93 -11.55
C ALA A 558 10.13 4.80 -12.82
N ILE A 559 8.91 5.14 -13.24
CA ILE A 559 8.67 5.77 -14.52
C ILE A 559 8.40 7.24 -14.26
N TYR A 560 9.24 8.04 -14.91
CA TYR A 560 9.25 9.47 -14.81
C TYR A 560 8.96 9.99 -16.21
N ALA A 561 7.77 10.57 -16.39
CA ALA A 561 7.33 11.03 -17.71
C ALA A 561 7.36 12.53 -17.82
N TYR A 562 8.04 12.99 -18.88
CA TYR A 562 8.06 14.40 -19.28
C TYR A 562 6.94 14.52 -20.30
N VAL A 563 6.09 15.53 -20.13
CA VAL A 563 4.86 15.63 -20.90
C VAL A 563 4.62 17.05 -21.35
N THR A 564 4.40 17.17 -22.64
CA THR A 564 4.13 18.42 -23.29
C THR A 564 2.65 18.36 -23.71
N LEU A 565 1.83 19.23 -23.11
CA LEU A 565 0.41 19.37 -23.45
C LEU A 565 0.26 20.14 -24.75
N ASN A 566 -0.82 19.85 -25.47
CA ASN A 566 -1.20 20.65 -26.63
C ASN A 566 -1.30 22.16 -26.28
N HIS A 567 -1.02 23.05 -27.24
CA HIS A 567 -1.14 24.50 -27.02
C HIS A 567 -2.53 24.89 -26.48
N GLY A 568 -2.53 25.65 -25.39
CA GLY A 568 -3.76 26.10 -24.77
C GLY A 568 -3.92 25.48 -23.39
N GLU A 569 -3.61 24.18 -23.29
CA GLU A 569 -3.87 23.37 -22.10
C GLU A 569 -3.12 23.83 -20.85
N GLU A 570 -3.60 23.39 -19.69
CA GLU A 570 -3.00 23.80 -18.42
C GLU A 570 -2.95 22.67 -17.40
N PRO A 571 -1.76 22.45 -16.77
CA PRO A 571 -1.62 21.51 -15.67
C PRO A 571 -2.60 21.79 -14.52
N SER A 572 -3.16 20.73 -13.95
CA SER A 572 -3.90 20.80 -12.70
C SER A 572 -3.62 19.50 -11.99
N PRO A 573 -3.93 19.43 -10.68
CA PRO A 573 -3.81 18.13 -10.01
C PRO A 573 -4.84 17.10 -10.49
N GLU A 574 -5.97 17.56 -11.03
CA GLU A 574 -6.96 16.61 -11.56
C GLU A 574 -6.35 15.97 -12.81
N LEU A 575 -5.60 16.76 -13.58
CA LEU A 575 -5.02 16.27 -14.83
C LEU A 575 -3.94 15.22 -14.61
N TYR A 576 -3.12 15.46 -13.59
CA TYR A 576 -2.12 14.50 -13.11
C TYR A 576 -2.74 13.12 -12.90
N ALA A 577 -3.74 13.01 -12.04
CA ALA A 577 -4.45 11.74 -11.86
C ALA A 577 -5.11 11.18 -13.14
N GLU A 578 -5.68 12.05 -13.97
CA GLU A 578 -6.35 11.60 -15.19
C GLU A 578 -5.36 10.92 -16.13
N VAL A 579 -4.16 11.48 -16.22
CA VAL A 579 -3.14 11.03 -17.14
C VAL A 579 -2.54 9.73 -16.64
N ARG A 580 -2.27 9.65 -15.34
CA ARG A 580 -1.91 8.36 -14.73
C ARG A 580 -2.98 7.25 -15.03
N ASN A 581 -4.26 7.52 -14.76
CA ASN A 581 -5.37 6.59 -15.03
C ASN A 581 -5.49 6.20 -16.54
N TRP A 582 -5.13 7.15 -17.41
CA TRP A 582 -5.11 6.91 -18.85
C TRP A 582 -4.03 5.88 -19.21
N VAL A 583 -2.82 6.07 -18.69
CA VAL A 583 -1.76 5.12 -19.00
C VAL A 583 -2.14 3.73 -18.48
N ARG A 584 -2.75 3.72 -17.30
CA ARG A 584 -3.23 2.49 -16.66
C ARG A 584 -4.27 1.72 -17.48
N LYS A 585 -5.10 2.46 -18.24
CA LYS A 585 -6.11 1.86 -19.08
C LYS A 585 -5.53 1.46 -20.45
N GLU A 586 -4.52 2.21 -20.90
CA GLU A 586 -3.84 1.93 -22.17
C GLU A 586 -3.01 0.66 -22.14
N ILE A 587 -2.30 0.46 -21.02
CA ILE A 587 -1.42 -0.68 -20.82
C ILE A 587 -1.77 -1.41 -19.52
N GLY A 588 -1.68 -0.72 -18.40
CA GLY A 588 -2.08 -1.31 -17.11
C GLY A 588 -1.32 -0.73 -15.95
N PRO A 589 -1.68 -1.12 -14.71
CA PRO A 589 -1.04 -0.59 -13.48
C PRO A 589 0.49 -0.66 -13.54
N LEU A 590 1.00 -1.76 -14.14
CA LEU A 590 2.44 -2.02 -14.28
C LEU A 590 3.17 -0.87 -14.90
N ALA A 591 2.45 -0.05 -15.68
CA ALA A 591 3.06 0.99 -16.50
C ALA A 591 2.69 2.42 -16.12
N THR A 592 2.05 2.56 -14.97
CA THR A 592 1.65 3.88 -14.48
C THR A 592 2.88 4.72 -14.14
N PRO A 593 3.03 5.92 -14.73
CA PRO A 593 4.15 6.77 -14.36
C PRO A 593 4.08 7.25 -12.92
N ASP A 594 5.21 7.17 -12.22
CA ASP A 594 5.25 7.58 -10.82
C ASP A 594 5.24 9.11 -10.72
N VAL A 595 5.76 9.76 -11.76
CA VAL A 595 5.92 11.18 -11.80
C VAL A 595 5.58 11.71 -13.20
N LEU A 596 4.77 12.76 -13.20
CA LEU A 596 4.47 13.51 -14.39
C LEU A 596 5.13 14.87 -14.31
N HIS A 597 5.97 15.15 -15.29
CA HIS A 597 6.71 16.39 -15.30
C HIS A 597 6.23 17.16 -16.52
N TRP A 598 5.29 18.07 -16.24
CA TRP A 598 4.73 18.97 -17.25
C TRP A 598 5.84 19.84 -17.81
N THR A 599 5.89 19.98 -19.13
CA THR A 599 6.94 20.76 -19.74
C THR A 599 6.68 21.21 -21.19
N ASP A 600 7.16 22.42 -21.51
CA ASP A 600 7.23 22.89 -22.90
C ASP A 600 8.67 22.90 -23.37
N SER A 601 9.51 22.19 -22.62
CA SER A 601 10.95 22.33 -22.79
C SER A 601 11.71 21.04 -23.12
N LEU A 602 11.07 20.14 -23.87
CA LEU A 602 11.78 18.97 -24.37
C LEU A 602 13.01 19.39 -25.15
N PRO A 603 14.17 18.79 -24.85
CA PRO A 603 15.41 19.19 -25.52
C PRO A 603 15.65 18.41 -26.82
N LYS A 604 15.59 19.12 -27.95
CA LYS A 604 15.65 18.50 -29.28
C LYS A 604 16.83 19.00 -30.17
N THR A 605 17.23 18.19 -31.14
CA THR A 605 18.32 18.51 -32.10
C THR A 605 17.81 19.29 -33.30
N ARG A 606 18.59 19.25 -34.38
CA ARG A 606 18.20 19.86 -35.66
C ARG A 606 16.87 19.29 -36.17
N SER A 607 16.73 17.97 -36.11
CA SER A 607 15.66 17.23 -36.81
C SER A 607 14.43 16.79 -35.97
N GLY A 608 14.43 17.09 -34.67
CA GLY A 608 13.33 16.69 -33.77
C GLY A 608 13.67 15.51 -32.88
N LYS A 609 14.76 14.82 -33.23
CA LYS A 609 15.35 13.75 -32.40
C LYS A 609 15.52 14.31 -30.97
N ILE A 610 15.14 13.51 -30.00
CA ILE A 610 14.96 14.01 -28.65
C ILE A 610 16.11 13.54 -27.73
N MET A 611 16.62 14.45 -26.90
CA MET A 611 17.84 14.21 -26.11
C MET A 611 17.70 13.47 -24.77
N ARG A 612 17.82 12.15 -24.83
CA ARG A 612 17.43 11.28 -23.73
C ARG A 612 18.37 11.24 -22.52
N ARG A 613 19.67 11.45 -22.75
CA ARG A 613 20.66 11.35 -21.66
C ARG A 613 20.46 12.46 -20.64
N ILE A 614 20.26 13.67 -21.15
CA ILE A 614 20.04 14.80 -20.28
C ILE A 614 18.74 14.61 -19.50
N LEU A 615 17.70 14.11 -20.17
CA LEU A 615 16.42 13.82 -19.49
C LEU A 615 16.55 12.79 -18.35
N ARG A 616 17.37 11.76 -18.59
CA ARG A 616 17.66 10.74 -17.58
C ARG A 616 18.29 11.31 -16.30
N LYS A 617 19.46 11.93 -16.45
CA LYS A 617 20.23 12.51 -15.34
C LYS A 617 19.41 13.50 -14.49
N ILE A 618 18.68 14.41 -15.16
CA ILE A 618 17.82 15.38 -14.47
C ILE A 618 16.82 14.69 -13.54
N ALA A 619 16.14 13.69 -14.09
CA ALA A 619 15.16 12.89 -13.34
C ALA A 619 15.78 12.16 -12.13
N ALA A 620 16.97 11.59 -12.34
CA ALA A 620 17.76 11.04 -11.23
C ALA A 620 18.03 12.10 -10.14
N GLY A 621 17.80 13.37 -10.46
CA GLY A 621 18.11 14.49 -9.56
C GLY A 621 19.57 14.92 -9.64
N ASP A 622 20.11 15.05 -10.86
CA ASP A 622 21.50 15.49 -11.08
C ASP A 622 21.65 16.95 -11.50
N THR A 623 22.85 17.48 -11.29
CA THR A 623 23.31 18.79 -11.85
C THR A 623 24.79 18.76 -12.33
N SER A 624 25.05 18.08 -13.45
CA SER A 624 26.34 18.10 -14.16
C SER A 624 26.24 17.36 -15.51
N SER A 630 25.87 17.96 -23.55
CA SER A 630 26.21 18.61 -24.82
C SER A 630 25.17 19.65 -25.32
N THR A 631 25.50 20.29 -26.46
CA THR A 631 24.76 21.44 -26.98
C THR A 631 23.68 21.03 -28.01
N LEU A 632 22.45 21.50 -27.75
CA LEU A 632 21.24 21.05 -28.47
C LEU A 632 20.88 21.91 -29.66
N ALA A 633 19.61 22.30 -29.74
CA ALA A 633 19.12 23.26 -30.73
C ALA A 633 18.67 24.58 -30.05
N ASP A 634 18.41 24.49 -28.75
CA ASP A 634 18.11 25.66 -27.92
C ASP A 634 18.52 25.31 -26.48
N PRO A 635 19.61 25.93 -25.98
CA PRO A 635 20.21 25.44 -24.74
C PRO A 635 19.49 25.84 -23.45
N GLY A 636 18.79 26.97 -23.44
CA GLY A 636 18.11 27.49 -22.24
C GLY A 636 16.97 26.65 -21.67
N VAL A 637 16.76 25.46 -22.24
CA VAL A 637 15.73 24.54 -21.73
C VAL A 637 16.25 23.59 -20.64
N VAL A 638 17.56 23.40 -20.58
CA VAL A 638 18.20 22.62 -19.51
C VAL A 638 18.05 23.32 -18.16
N GLU A 639 18.04 24.65 -18.18
CA GLU A 639 17.83 25.44 -16.98
C GLU A 639 16.36 25.34 -16.53
N LYS A 640 15.45 25.48 -17.52
CA LYS A 640 14.01 25.39 -17.27
C LYS A 640 13.68 24.01 -16.70
N LEU A 641 14.22 22.96 -17.32
CA LEU A 641 13.96 21.57 -16.91
C LEU A 641 14.50 21.22 -15.53
N LEU A 642 15.53 21.93 -15.07
CA LEU A 642 16.03 21.80 -13.71
C LEU A 642 15.09 22.43 -12.68
N GLU A 643 14.74 23.70 -12.88
CA GLU A 643 13.85 24.42 -11.97
C GLU A 643 12.56 23.63 -11.80
N GLU A 644 11.92 23.33 -12.94
CA GLU A 644 10.70 22.49 -13.00
C GLU A 644 10.78 21.23 -12.11
N LYS A 645 11.95 20.60 -12.11
CA LYS A 645 12.21 19.38 -11.34
C LYS A 645 12.25 19.63 -9.83
N GLN A 646 12.35 20.90 -9.42
CA GLN A 646 12.44 21.21 -7.98
C GLN A 646 11.08 21.25 -7.29
N ALA A 647 9.99 21.16 -8.06
CA ALA A 647 8.69 20.83 -7.47
C ALA A 647 8.13 19.51 -8.02
N HIS B 5 -11.35 34.09 -4.75
CA HIS B 5 -12.59 33.42 -5.26
C HIS B 5 -13.53 32.94 -4.13
N LYS B 6 -14.61 33.69 -3.90
CA LYS B 6 -15.64 33.26 -2.96
C LYS B 6 -16.60 32.21 -3.52
N HIS B 7 -17.07 31.34 -2.64
CA HIS B 7 -18.14 30.42 -2.93
C HIS B 7 -19.35 30.94 -2.19
N ALA B 8 -20.31 31.44 -2.96
CA ALA B 8 -21.54 31.97 -2.40
C ALA B 8 -22.33 30.83 -1.75
N ILE B 9 -23.15 31.20 -0.77
CA ILE B 9 -24.01 30.26 -0.09
C ILE B 9 -25.11 29.85 -1.05
N PRO B 10 -25.20 28.54 -1.37
CA PRO B 10 -26.20 28.04 -2.33
C PRO B 10 -27.64 28.32 -1.88
N ALA B 11 -28.56 28.41 -2.84
CA ALA B 11 -29.97 28.73 -2.57
C ALA B 11 -30.65 27.70 -1.67
N ASN B 12 -30.38 26.42 -1.91
CA ASN B 12 -30.92 25.33 -1.10
C ASN B 12 -30.51 25.46 0.38
N ILE B 13 -29.25 25.84 0.62
CA ILE B 13 -28.77 25.99 2.00
C ILE B 13 -29.34 27.27 2.65
N ALA B 14 -29.35 28.36 1.88
CA ALA B 14 -29.97 29.60 2.33
C ALA B 14 -31.39 29.39 2.86
N ASP B 15 -32.16 28.57 2.14
CA ASP B 15 -33.57 28.36 2.43
C ASP B 15 -33.82 27.60 3.73
N ARG B 16 -32.90 26.73 4.08
CA ARG B 16 -33.09 25.83 5.22
C ARG B 16 -32.17 26.07 6.42
N CYS B 17 -31.13 26.90 6.30
CA CYS B 17 -30.12 26.97 7.36
C CYS B 17 -30.65 27.40 8.73
N LEU B 18 -29.96 26.98 9.79
CA LEU B 18 -30.31 27.39 11.15
C LEU B 18 -29.78 28.81 11.43
N ILE B 19 -28.60 29.12 10.90
CA ILE B 19 -27.91 30.37 11.15
C ILE B 19 -27.59 31.03 9.83
N ASN B 20 -28.26 32.15 9.53
CA ASN B 20 -28.01 32.88 8.30
C ASN B 20 -26.97 33.98 8.56
N PRO B 21 -26.55 34.73 7.52
CA PRO B 21 -25.44 35.66 7.73
C PRO B 21 -25.65 36.64 8.89
N GLU B 22 -26.79 37.34 8.92
CA GLU B 22 -27.10 38.28 10.03
C GLU B 22 -27.20 37.61 11.41
N GLN B 23 -27.91 36.50 11.52
CA GLN B 23 -27.97 35.78 12.79
C GLN B 23 -26.58 35.42 13.30
N TYR B 24 -25.69 35.01 12.40
CA TYR B 24 -24.30 34.79 12.76
C TYR B 24 -23.67 36.05 13.39
N GLU B 25 -23.71 37.19 12.69
CA GLU B 25 -23.16 38.44 13.24
C GLU B 25 -23.73 38.74 14.64
N THR B 26 -25.06 38.65 14.78
CA THR B 26 -25.74 38.98 16.01
C THR B 26 -25.38 38.01 17.13
N LYS B 27 -25.54 36.71 16.88
CA LYS B 27 -25.14 35.70 17.86
C LYS B 27 -23.67 35.79 18.26
N TYR B 28 -22.78 35.96 17.28
CA TYR B 28 -21.36 36.12 17.58
C TYR B 28 -21.11 37.28 18.54
N LYS B 29 -21.59 38.47 18.20
CA LYS B 29 -21.28 39.63 19.03
C LYS B 29 -21.89 39.55 20.45
N GLN B 30 -23.07 38.95 20.58
CA GLN B 30 -23.63 38.69 21.91
C GLN B 30 -22.73 37.68 22.66
N SER B 31 -22.17 36.71 21.94
CA SER B 31 -21.32 35.72 22.58
C SER B 31 -20.03 36.31 23.16
N ILE B 32 -19.57 37.43 22.58
CA ILE B 32 -18.38 38.12 23.06
C ILE B 32 -18.73 39.16 24.13
N ASN B 33 -19.69 40.05 23.83
CA ASN B 33 -20.06 41.13 24.75
C ASN B 33 -20.73 40.66 26.04
N ASP B 34 -21.46 39.55 25.97
CA ASP B 34 -22.18 39.05 27.13
C ASP B 34 -22.30 37.51 27.13
N PRO B 35 -21.19 36.81 27.47
CA PRO B 35 -21.17 35.34 27.47
C PRO B 35 -22.15 34.70 28.45
N ASP B 36 -22.31 35.26 29.64
CA ASP B 36 -23.26 34.72 30.63
C ASP B 36 -24.67 34.61 30.05
N THR B 37 -25.10 35.62 29.30
CA THR B 37 -26.46 35.63 28.76
C THR B 37 -26.51 34.60 27.61
N PHE B 38 -25.56 34.72 26.70
CA PHE B 38 -25.53 33.84 25.53
C PHE B 38 -25.42 32.37 25.92
N TRP B 39 -24.36 32.02 26.62
CA TRP B 39 -24.17 30.64 27.04
C TRP B 39 -25.24 30.12 28.02
N GLY B 40 -25.87 31.03 28.77
CA GLY B 40 -26.99 30.69 29.65
C GLY B 40 -28.20 30.22 28.85
N GLU B 41 -28.52 30.88 27.75
CA GLU B 41 -29.62 30.41 26.92
C GLU B 41 -29.17 29.20 26.08
N GLN B 42 -27.93 29.23 25.62
CA GLN B 42 -27.48 28.17 24.73
C GLN B 42 -27.25 26.79 25.44
N GLY B 43 -26.83 26.82 26.69
CA GLY B 43 -26.74 25.60 27.48
C GLY B 43 -28.04 24.82 27.68
N LYS B 44 -29.19 25.39 27.28
CA LYS B 44 -30.48 24.68 27.33
C LYS B 44 -30.59 23.60 26.22
N ILE B 45 -29.56 23.51 25.37
CA ILE B 45 -29.48 22.44 24.38
C ILE B 45 -29.37 21.06 25.09
N LEU B 46 -28.85 21.06 26.31
CA LEU B 46 -28.85 19.88 27.19
C LEU B 46 -29.95 19.97 28.21
N ASP B 47 -30.35 18.79 28.71
CA ASP B 47 -31.16 18.68 29.92
C ASP B 47 -30.22 18.77 31.11
N TRP B 48 -30.58 19.61 32.08
CA TRP B 48 -29.86 19.69 33.34
C TRP B 48 -30.73 19.08 34.46
N ILE B 49 -30.09 18.46 35.43
CA ILE B 49 -30.80 17.84 36.53
C ILE B 49 -31.07 18.92 37.59
N THR B 50 -30.04 19.61 38.03
CA THR B 50 -30.29 20.82 38.78
C THR B 50 -29.65 21.96 37.97
N PRO B 51 -30.48 22.95 37.56
CA PRO B 51 -30.08 24.04 36.67
C PRO B 51 -28.89 24.77 37.22
N TYR B 52 -28.07 25.33 36.35
CA TYR B 52 -26.97 26.17 36.80
C TYR B 52 -27.51 27.58 37.04
N GLN B 53 -26.79 28.36 37.84
CA GLN B 53 -27.01 29.81 37.88
C GLN B 53 -25.76 30.56 37.38
N LYS B 54 -24.56 30.18 37.83
CA LYS B 54 -23.32 30.78 37.30
C LYS B 54 -23.08 30.25 35.90
N VAL B 55 -22.61 31.11 35.00
CA VAL B 55 -22.23 30.61 33.70
C VAL B 55 -20.70 30.62 33.57
N LYS B 56 -20.12 31.76 33.16
CA LYS B 56 -18.70 31.88 32.91
C LYS B 56 -17.94 32.32 34.14
N ASN B 57 -17.03 31.45 34.60
CA ASN B 57 -16.13 31.74 35.71
C ASN B 57 -14.70 31.27 35.38
N THR B 58 -13.96 32.10 34.66
CA THR B 58 -12.68 31.69 34.09
C THR B 58 -11.63 32.79 34.19
N SER B 59 -10.37 32.36 34.29
CA SER B 59 -9.22 33.25 34.29
C SER B 59 -8.00 32.57 33.66
N PHE B 60 -7.28 33.32 32.84
CA PHE B 60 -6.02 32.84 32.30
C PHE B 60 -4.84 33.49 33.04
N ALA B 61 -5.09 34.01 34.24
CA ALA B 61 -4.05 34.70 35.00
C ALA B 61 -2.84 33.79 35.16
N PRO B 62 -1.63 34.32 34.89
CA PRO B 62 -0.39 33.53 35.01
C PRO B 62 -0.22 33.00 36.43
N GLY B 63 0.03 31.68 36.56
CA GLY B 63 0.17 31.06 37.88
C GLY B 63 -1.14 30.74 38.61
N ASN B 64 -2.26 30.99 37.94
CA ASN B 64 -3.58 30.74 38.52
C ASN B 64 -4.68 30.63 37.47
N VAL B 65 -4.37 29.94 36.38
CA VAL B 65 -5.36 29.59 35.35
C VAL B 65 -6.48 28.73 35.95
N SER B 66 -7.73 29.15 35.74
CA SER B 66 -8.86 28.44 36.33
C SER B 66 -10.06 28.58 35.42
N ILE B 67 -10.58 27.46 34.93
CA ILE B 67 -11.66 27.45 33.94
C ILE B 67 -12.92 26.73 34.45
N LYS B 68 -14.00 27.48 34.65
CA LYS B 68 -15.28 26.90 35.08
C LYS B 68 -16.44 27.42 34.24
N TRP B 69 -17.35 26.52 33.88
CA TRP B 69 -18.55 26.85 33.17
C TRP B 69 -19.65 26.04 33.80
N TYR B 70 -20.82 26.64 33.98
CA TYR B 70 -22.02 25.97 34.57
C TYR B 70 -21.79 25.28 35.90
N GLU B 71 -20.93 25.86 36.74
CA GLU B 71 -20.31 25.08 37.79
C GLU B 71 -21.30 24.58 38.84
N ASP B 72 -22.39 25.31 39.03
CA ASP B 72 -23.37 24.88 40.02
C ASP B 72 -24.49 24.03 39.40
N GLY B 73 -24.36 23.66 38.14
CA GLY B 73 -25.32 22.78 37.51
C GLY B 73 -24.86 21.34 37.55
N THR B 74 -25.83 20.43 37.54
CA THR B 74 -25.56 19.00 37.46
C THR B 74 -26.32 18.39 36.30
N LEU B 75 -25.76 17.35 35.70
CA LEU B 75 -26.30 16.73 34.48
C LEU B 75 -25.74 15.32 34.30
N ASN B 76 -26.16 14.66 33.23
CA ASN B 76 -25.62 13.36 32.88
C ASN B 76 -25.41 13.26 31.38
N LEU B 77 -24.19 12.94 30.97
CA LEU B 77 -23.88 12.91 29.55
C LEU B 77 -24.69 11.84 28.81
N ALA B 78 -24.80 10.66 29.39
CA ALA B 78 -25.56 9.58 28.73
C ALA B 78 -27.06 9.90 28.64
N ALA B 79 -27.62 10.51 29.69
CA ALA B 79 -29.03 10.92 29.71
C ALA B 79 -29.32 11.86 28.56
N ASN B 80 -28.36 12.73 28.26
CA ASN B 80 -28.49 13.65 27.12
C ASN B 80 -28.31 12.98 25.73
N CYS B 81 -27.41 11.99 25.66
CA CYS B 81 -27.18 11.26 24.40
C CYS B 81 -28.11 10.06 24.23
N LEU B 82 -28.84 9.70 25.29
CA LEU B 82 -29.68 8.50 25.24
C LEU B 82 -31.13 8.63 25.80
N ASP B 83 -31.25 8.67 27.12
CA ASP B 83 -32.55 8.59 27.80
C ASP B 83 -33.55 9.58 27.23
N ARG B 84 -33.14 10.85 27.16
CA ARG B 84 -34.08 11.93 26.86
C ARG B 84 -34.65 11.84 25.44
N HIS B 85 -34.03 10.96 24.63
CA HIS B 85 -34.47 10.70 23.26
C HIS B 85 -35.42 9.52 23.13
N LEU B 86 -35.60 8.74 24.21
CA LEU B 86 -36.46 7.57 24.14
C LEU B 86 -37.94 7.95 23.91
N GLN B 87 -38.43 8.91 24.67
CA GLN B 87 -39.87 9.20 24.73
C GLN B 87 -40.48 9.41 23.34
N GLU B 88 -39.88 10.31 22.55
CA GLU B 88 -40.30 10.57 21.17
C GLU B 88 -39.46 9.89 20.07
N ASN B 89 -38.24 9.45 20.39
CA ASN B 89 -37.36 8.89 19.34
C ASN B 89 -36.65 7.57 19.63
N GLY B 90 -37.23 6.75 20.52
CA GLY B 90 -36.73 5.38 20.76
C GLY B 90 -36.37 4.59 19.50
N ASP B 91 -37.14 4.76 18.43
CA ASP B 91 -37.05 3.85 17.28
C ASP B 91 -36.17 4.40 16.15
N ARG B 92 -35.72 5.65 16.28
CA ARG B 92 -34.76 6.22 15.36
C ARG B 92 -33.40 5.48 15.44
N THR B 93 -32.69 5.37 14.32
CA THR B 93 -31.32 4.88 14.34
C THR B 93 -30.38 5.87 15.00
N ALA B 94 -29.66 5.39 16.01
CA ALA B 94 -28.66 6.19 16.71
C ALA B 94 -27.31 6.03 16.00
N ILE B 95 -26.93 4.79 15.77
CA ILE B 95 -25.69 4.46 15.14
C ILE B 95 -25.98 3.52 13.99
N ILE B 96 -25.58 3.91 12.79
CA ILE B 96 -25.43 2.98 11.68
C ILE B 96 -24.00 2.45 11.68
N TRP B 97 -23.83 1.14 11.84
CA TRP B 97 -22.51 0.52 11.76
C TRP B 97 -22.26 -0.16 10.42
N GLU B 98 -21.16 0.19 9.76
CA GLU B 98 -20.83 -0.40 8.48
C GLU B 98 -19.51 -1.14 8.59
N GLY B 99 -19.50 -2.43 8.23
CA GLY B 99 -18.32 -3.30 8.40
C GLY B 99 -17.21 -3.00 7.42
N ASP B 100 -15.96 -3.34 7.77
CA ASP B 100 -14.88 -3.39 6.76
C ASP B 100 -15.41 -4.25 5.58
N ASP B 101 -16.11 -5.33 5.92
CA ASP B 101 -16.75 -6.12 4.90
C ASP B 101 -18.19 -5.59 4.81
N THR B 102 -18.53 -5.04 3.65
CA THR B 102 -19.79 -4.31 3.45
C THR B 102 -21.04 -5.16 3.70
N SER B 103 -20.92 -6.48 3.58
CA SER B 103 -22.00 -7.41 3.95
C SER B 103 -22.30 -7.42 5.46
N GLN B 104 -21.49 -6.73 6.26
CA GLN B 104 -21.77 -6.66 7.67
C GLN B 104 -22.17 -5.24 7.99
N SER B 105 -23.35 -5.08 8.56
CA SER B 105 -23.81 -3.78 9.02
C SER B 105 -24.98 -3.89 9.98
N LYS B 106 -25.04 -2.95 10.93
CA LYS B 106 -26.10 -2.86 11.92
C LYS B 106 -26.71 -1.46 11.90
N HIS B 107 -28.02 -1.41 12.14
CA HIS B 107 -28.67 -0.17 12.52
C HIS B 107 -28.94 -0.28 14.03
N ILE B 108 -28.45 0.64 14.84
CA ILE B 108 -28.71 0.53 16.28
C ILE B 108 -29.57 1.69 16.75
N SER B 109 -30.78 1.38 17.19
CA SER B 109 -31.77 2.38 17.51
C SER B 109 -31.42 2.98 18.85
N TYR B 110 -31.98 4.16 19.11
CA TYR B 110 -31.77 4.81 20.40
C TYR B 110 -32.20 3.93 21.59
N ARG B 111 -33.32 3.24 21.49
CA ARG B 111 -33.72 2.29 22.53
C ARG B 111 -32.71 1.13 22.69
N GLU B 112 -32.23 0.57 21.57
CA GLU B 112 -31.19 -0.49 21.61
C GLU B 112 -29.87 -0.01 22.24
N LEU B 113 -29.39 1.15 21.82
CA LEU B 113 -28.19 1.71 22.43
C LEU B 113 -28.39 1.98 23.93
N HIS B 114 -29.51 2.62 24.30
CA HIS B 114 -29.84 2.82 25.71
C HIS B 114 -29.78 1.51 26.51
N ARG B 115 -30.35 0.46 25.94
CA ARG B 115 -30.50 -0.78 26.62
C ARG B 115 -29.11 -1.38 26.88
N ASP B 116 -28.25 -1.42 25.85
CA ASP B 116 -26.88 -1.91 26.04
C ASP B 116 -26.06 -1.00 26.93
N VAL B 117 -26.28 0.31 26.88
CA VAL B 117 -25.52 1.16 27.78
C VAL B 117 -25.82 0.93 29.29
N CYS B 118 -27.11 0.83 29.64
CA CYS B 118 -27.52 0.44 30.98
C CYS B 118 -26.88 -0.87 31.49
N ARG B 119 -27.03 -1.94 30.70
CA ARG B 119 -26.45 -3.25 31.01
C ARG B 119 -24.96 -3.18 31.21
N PHE B 120 -24.32 -2.27 30.49
CA PHE B 120 -22.89 -2.17 30.56
C PHE B 120 -22.46 -1.22 31.67
N ALA B 121 -23.29 -0.22 31.95
CA ALA B 121 -23.09 0.58 33.16
C ALA B 121 -23.18 -0.34 34.39
N ASN B 122 -24.15 -1.26 34.39
CA ASN B 122 -24.31 -2.19 35.48
C ASN B 122 -23.15 -3.16 35.54
N THR B 123 -22.64 -3.52 34.37
CA THR B 123 -21.50 -4.40 34.32
C THR B 123 -20.34 -3.73 35.03
N LEU B 124 -20.07 -2.46 34.70
CA LEU B 124 -18.98 -1.68 35.32
C LEU B 124 -19.10 -1.61 36.83
N LEU B 125 -20.25 -1.15 37.30
CA LEU B 125 -20.56 -1.18 38.74
C LEU B 125 -20.33 -2.56 39.40
N ASP B 126 -20.81 -3.65 38.79
CA ASP B 126 -20.57 -5.02 39.34
C ASP B 126 -19.09 -5.36 39.46
N LEU B 127 -18.25 -4.78 38.61
CA LEU B 127 -16.81 -5.01 38.73
C LEU B 127 -16.14 -4.12 39.78
N GLY B 128 -16.94 -3.25 40.41
CA GLY B 128 -16.46 -2.31 41.43
C GLY B 128 -15.94 -0.99 40.90
N ILE B 129 -16.22 -0.69 39.64
CA ILE B 129 -15.76 0.57 39.07
C ILE B 129 -16.67 1.64 39.67
N LYS B 130 -16.08 2.73 40.16
CA LYS B 130 -16.87 3.80 40.77
C LYS B 130 -16.57 5.16 40.14
N LYS B 131 -17.41 6.14 40.41
CA LYS B 131 -17.22 7.51 39.95
C LYS B 131 -15.75 7.92 40.12
N GLY B 132 -15.21 8.62 39.13
CA GLY B 132 -13.81 9.04 39.16
C GLY B 132 -12.75 8.01 38.73
N ASP B 133 -13.05 6.71 38.76
CA ASP B 133 -12.08 5.72 38.30
C ASP B 133 -11.81 5.93 36.83
N VAL B 134 -10.57 5.70 36.41
CA VAL B 134 -10.21 5.83 35.00
C VAL B 134 -10.32 4.47 34.33
N VAL B 135 -11.04 4.44 33.19
CA VAL B 135 -11.22 3.22 32.39
C VAL B 135 -10.55 3.31 31.03
N ALA B 136 -9.66 2.35 30.76
CA ALA B 136 -8.90 2.30 29.50
C ALA B 136 -9.74 1.56 28.46
N ILE B 137 -10.00 2.24 27.34
CA ILE B 137 -10.77 1.65 26.26
C ILE B 137 -9.87 1.57 25.05
N TYR B 138 -9.54 0.35 24.64
CA TYR B 138 -8.66 0.12 23.51
C TYR B 138 -9.42 -0.74 22.54
N MET B 139 -10.18 -0.09 21.68
CA MET B 139 -11.16 -0.79 20.87
C MET B 139 -11.12 -0.38 19.42
N PRO B 140 -11.65 -1.26 18.54
CA PRO B 140 -11.73 -0.90 17.14
C PRO B 140 -13.06 -0.15 16.93
N MET B 141 -13.31 0.24 15.68
CA MET B 141 -14.48 1.02 15.31
C MET B 141 -15.64 0.06 15.14
N VAL B 142 -16.15 -0.37 16.30
CA VAL B 142 -17.33 -1.22 16.40
C VAL B 142 -18.26 -0.56 17.41
N PRO B 143 -19.59 -0.79 17.28
CA PRO B 143 -20.52 0.01 18.09
C PRO B 143 -20.24 -0.14 19.57
N GLU B 144 -19.64 -1.26 19.97
CA GLU B 144 -19.34 -1.54 21.36
C GLU B 144 -18.38 -0.55 22.07
N ALA B 145 -17.43 0.01 21.33
CA ALA B 145 -16.64 1.14 21.82
C ALA B 145 -17.59 2.22 22.36
N ALA B 146 -18.54 2.64 21.52
CA ALA B 146 -19.45 3.70 21.90
C ALA B 146 -20.19 3.31 23.17
N VAL B 147 -20.62 2.05 23.23
CA VAL B 147 -21.36 1.51 24.37
C VAL B 147 -20.50 1.64 25.61
N ALA B 148 -19.21 1.27 25.49
CA ALA B 148 -18.24 1.40 26.60
C ALA B 148 -18.00 2.85 27.03
N MET B 149 -17.82 3.75 26.07
CA MET B 149 -17.66 5.16 26.44
C MET B 149 -18.91 5.73 27.13
N LEU B 150 -20.06 5.51 26.52
CA LEU B 150 -21.29 6.07 27.06
C LEU B 150 -21.52 5.60 28.48
N ALA B 151 -21.16 4.34 28.73
CA ALA B 151 -21.41 3.71 30.02
C ALA B 151 -20.52 4.26 31.12
N CYS B 152 -19.24 4.50 30.81
CA CYS B 152 -18.37 5.18 31.77
C CYS B 152 -18.95 6.52 32.16
N ALA B 153 -19.35 7.31 31.15
CA ALA B 153 -19.89 8.65 31.37
C ALA B 153 -21.13 8.57 32.23
N ARG B 154 -21.99 7.61 31.91
CA ARG B 154 -23.22 7.40 32.68
C ARG B 154 -22.99 7.30 34.19
N ILE B 155 -21.90 6.64 34.59
CA ILE B 155 -21.66 6.38 36.01
C ILE B 155 -20.62 7.32 36.63
N GLY B 156 -20.05 8.22 35.82
CA GLY B 156 -19.07 9.15 36.35
C GLY B 156 -17.66 8.60 36.27
N ALA B 157 -17.50 7.45 35.64
CA ALA B 157 -16.17 6.92 35.39
C ALA B 157 -15.50 7.85 34.39
N VAL B 158 -14.19 7.82 34.33
CA VAL B 158 -13.45 8.74 33.45
C VAL B 158 -12.80 7.90 32.35
N HIS B 159 -13.39 7.85 31.17
CA HIS B 159 -12.77 6.98 30.18
C HIS B 159 -11.50 7.59 29.62
N SER B 160 -10.62 6.71 29.18
CA SER B 160 -9.40 7.12 28.51
C SER B 160 -9.21 6.23 27.28
N VAL B 161 -9.74 6.69 26.15
CA VAL B 161 -9.70 5.91 24.94
C VAL B 161 -8.30 5.92 24.36
N ILE B 162 -7.76 4.73 24.12
CA ILE B 162 -6.46 4.61 23.49
C ILE B 162 -6.61 4.11 22.06
N PHE B 163 -6.27 4.94 21.10
CA PHE B 163 -6.26 4.57 19.69
C PHE B 163 -5.67 3.18 19.41
N GLY B 164 -6.44 2.34 18.74
CA GLY B 164 -6.07 0.94 18.45
C GLY B 164 -4.76 0.75 17.70
N GLY B 165 -4.19 1.80 17.10
CA GLY B 165 -2.90 1.66 16.45
C GLY B 165 -1.70 1.93 17.35
N PHE B 166 -1.95 2.28 18.61
CA PHE B 166 -0.85 2.36 19.57
C PHE B 166 -0.27 0.98 19.87
N SER B 167 0.98 0.96 20.29
CA SER B 167 1.64 -0.31 20.50
C SER B 167 1.45 -0.67 21.99
N PRO B 168 1.70 -1.97 22.35
CA PRO B 168 1.67 -2.40 23.74
C PRO B 168 2.43 -1.43 24.65
N GLU B 169 3.63 -1.03 24.24
CA GLU B 169 4.41 -0.08 25.01
C GLU B 169 3.63 1.20 25.26
N ALA B 170 3.11 1.81 24.20
CA ALA B 170 2.28 3.02 24.28
C ALA B 170 1.03 2.78 25.13
N VAL B 171 0.47 1.58 25.03
CA VAL B 171 -0.69 1.22 25.82
C VAL B 171 -0.34 1.17 27.32
N ALA B 172 0.80 0.57 27.63
CA ALA B 172 1.33 0.49 28.99
C ALA B 172 1.49 1.85 29.67
N GLY B 173 2.20 2.77 29.03
CA GLY B 173 2.46 4.11 29.58
C GLY B 173 1.18 4.84 29.90
N ARG B 174 0.19 4.78 29.01
CA ARG B 174 -1.10 5.46 29.22
C ARG B 174 -1.86 4.88 30.41
N ILE B 175 -1.80 3.55 30.58
CA ILE B 175 -2.40 2.87 31.73
C ILE B 175 -1.69 3.16 33.05
N ILE B 176 -0.35 3.14 33.02
CA ILE B 176 0.45 3.40 34.20
C ILE B 176 0.15 4.82 34.64
N ASP B 177 0.11 5.75 33.69
CA ASP B 177 -0.06 7.16 33.99
C ASP B 177 -1.48 7.50 34.46
N SER B 178 -2.47 6.76 33.98
CA SER B 178 -3.84 7.05 34.35
C SER B 178 -4.28 6.19 35.53
N SER B 179 -3.42 5.27 35.96
CA SER B 179 -3.83 4.28 36.95
C SER B 179 -5.19 3.62 36.61
N SER B 180 -5.36 3.11 35.39
CA SER B 180 -6.62 2.48 34.99
C SER B 180 -6.86 1.17 35.69
N ARG B 181 -8.09 0.99 36.18
CA ARG B 181 -8.49 -0.20 36.94
C ARG B 181 -8.91 -1.32 35.99
N LEU B 182 -9.27 -0.92 34.77
CA LEU B 182 -9.88 -1.81 33.82
C LEU B 182 -9.45 -1.45 32.41
N VAL B 183 -9.18 -2.47 31.61
CA VAL B 183 -9.00 -2.28 30.17
C VAL B 183 -10.15 -2.97 29.43
N ILE B 184 -10.75 -2.24 28.51
CA ILE B 184 -11.83 -2.78 27.71
C ILE B 184 -11.29 -2.87 26.30
N THR B 185 -11.35 -4.05 25.72
CA THR B 185 -10.80 -4.24 24.39
C THR B 185 -11.54 -5.32 23.58
N ALA B 186 -10.94 -5.73 22.47
CA ALA B 186 -11.53 -6.75 21.60
C ALA B 186 -10.48 -7.80 21.25
N ASP B 187 -10.92 -9.01 20.91
CA ASP B 187 -9.95 -10.03 20.55
C ASP B 187 -9.10 -9.49 19.38
N GLU B 188 -9.78 -9.01 18.33
CA GLU B 188 -9.08 -8.47 17.18
C GLU B 188 -9.89 -7.35 16.51
N GLY B 189 -9.19 -6.40 15.89
CA GLY B 189 -9.79 -5.43 14.99
C GLY B 189 -9.76 -5.94 13.56
N VAL B 190 -10.76 -5.51 12.77
CA VAL B 190 -10.78 -5.73 11.34
C VAL B 190 -10.64 -4.41 10.57
N ARG B 191 -9.59 -4.29 9.77
CA ARG B 191 -9.42 -3.14 8.89
C ARG B 191 -8.69 -3.52 7.61
N ALA B 192 -9.28 -3.16 6.46
CA ALA B 192 -8.70 -3.38 5.14
C ALA B 192 -8.52 -4.88 4.81
N GLY B 193 -9.47 -5.70 5.26
CA GLY B 193 -9.42 -7.16 5.08
C GLY B 193 -8.34 -7.84 5.91
N ARG B 194 -8.01 -7.26 7.07
CA ARG B 194 -6.92 -7.77 7.92
C ARG B 194 -7.19 -7.62 9.41
N SER B 195 -6.43 -8.38 10.19
CA SER B 195 -6.56 -8.45 11.64
C SER B 195 -5.59 -7.53 12.40
N ILE B 196 -6.11 -6.74 13.36
CA ILE B 196 -5.27 -5.99 14.29
C ILE B 196 -5.31 -6.77 15.59
N PRO B 197 -4.15 -7.25 16.10
CA PRO B 197 -4.19 -8.15 17.27
C PRO B 197 -4.33 -7.40 18.61
N LEU B 198 -5.45 -6.70 18.80
CA LEU B 198 -5.70 -5.90 20.00
C LEU B 198 -5.47 -6.57 21.36
N LYS B 199 -6.10 -7.73 21.59
CA LYS B 199 -6.08 -8.36 22.90
C LYS B 199 -4.68 -8.85 23.26
N LYS B 200 -4.00 -9.42 22.28
CA LYS B 200 -2.58 -9.75 22.40
C LYS B 200 -1.75 -8.52 22.74
N ASN B 201 -2.06 -7.36 22.18
CA ASN B 201 -1.31 -6.15 22.52
C ASN B 201 -1.50 -5.82 24.00
N VAL B 202 -2.72 -6.03 24.49
CA VAL B 202 -3.04 -5.77 25.89
C VAL B 202 -2.26 -6.70 26.81
N ASP B 203 -2.26 -7.99 26.47
CA ASP B 203 -1.46 -8.97 27.21
C ASP B 203 -0.04 -8.44 27.34
N ASP B 204 0.55 -8.04 26.21
CA ASP B 204 1.95 -7.61 26.19
C ASP B 204 2.14 -6.36 27.05
N ALA B 205 1.20 -5.42 26.94
CA ALA B 205 1.18 -4.25 27.81
C ALA B 205 1.20 -4.61 29.31
N LEU B 206 0.41 -5.60 29.71
CA LEU B 206 0.27 -5.91 31.15
C LEU B 206 1.38 -6.84 31.73
N LYS B 207 2.30 -7.28 30.89
CA LYS B 207 3.50 -7.96 31.36
C LYS B 207 4.51 -6.91 31.78
N ASN B 208 4.28 -5.66 31.41
CA ASN B 208 5.08 -4.55 31.92
C ASN B 208 4.96 -4.47 33.45
N PRO B 209 6.04 -4.82 34.16
CA PRO B 209 6.03 -4.92 35.64
C PRO B 209 5.45 -3.67 36.28
N ASN B 210 5.60 -2.53 35.60
CA ASN B 210 5.09 -1.25 36.11
C ASN B 210 3.60 -1.05 36.03
N VAL B 211 2.92 -1.81 35.18
CA VAL B 211 1.47 -1.82 35.22
C VAL B 211 0.99 -2.61 36.43
N THR B 212 0.38 -1.91 37.39
CA THR B 212 -0.10 -2.54 38.63
C THR B 212 -1.55 -2.21 38.99
N SER B 213 -2.18 -1.30 38.24
CA SER B 213 -3.53 -0.86 38.60
C SER B 213 -4.64 -1.69 37.94
N VAL B 214 -4.27 -2.61 37.05
CA VAL B 214 -5.29 -3.34 36.27
C VAL B 214 -5.82 -4.61 36.96
N GLU B 215 -7.13 -4.62 37.20
CA GLU B 215 -7.82 -5.76 37.85
C GLU B 215 -8.41 -6.68 36.80
N HIS B 216 -9.08 -6.11 35.80
CA HIS B 216 -9.67 -6.94 34.79
C HIS B 216 -9.47 -6.35 33.43
N VAL B 217 -9.57 -7.21 32.41
CA VAL B 217 -9.67 -6.83 31.01
C VAL B 217 -11.00 -7.38 30.45
N ILE B 218 -11.87 -6.50 29.97
CA ILE B 218 -13.08 -6.95 29.25
C ILE B 218 -12.77 -7.06 27.74
N VAL B 219 -13.10 -8.21 27.16
CA VAL B 219 -12.79 -8.54 25.77
C VAL B 219 -14.06 -8.80 24.97
N LEU B 220 -14.25 -8.04 23.90
CA LEU B 220 -15.30 -8.32 22.94
C LEU B 220 -14.84 -9.40 21.99
N LYS B 221 -15.71 -10.40 21.78
CA LYS B 221 -15.43 -11.42 20.79
C LYS B 221 -15.89 -10.91 19.43
N ARG B 222 -14.99 -10.22 18.74
CA ARG B 222 -15.28 -9.67 17.41
C ARG B 222 -14.95 -10.64 16.28
N THR B 223 -13.75 -11.22 16.29
CA THR B 223 -13.36 -12.15 15.22
C THR B 223 -13.46 -13.61 15.64
N GLY B 224 -13.47 -13.86 16.94
CA GLY B 224 -13.39 -15.22 17.47
C GLY B 224 -12.08 -15.93 17.26
N SER B 225 -11.00 -15.20 16.94
CA SER B 225 -9.65 -15.78 16.76
C SER B 225 -9.14 -16.39 18.04
N ASP B 226 -8.14 -17.26 17.95
CA ASP B 226 -7.56 -17.86 19.15
C ASP B 226 -6.82 -16.79 19.96
N ILE B 227 -6.97 -16.84 21.27
CA ILE B 227 -6.18 -15.98 22.14
C ILE B 227 -5.74 -16.66 23.41
N ASP B 228 -4.89 -15.98 24.16
CA ASP B 228 -4.51 -16.47 25.45
C ASP B 228 -5.54 -15.91 26.40
N TRP B 229 -5.89 -16.66 27.43
CA TRP B 229 -6.90 -16.18 28.35
C TRP B 229 -6.29 -16.25 29.74
N GLN B 230 -6.37 -15.15 30.47
CA GLN B 230 -6.02 -15.24 31.87
C GLN B 230 -7.25 -15.36 32.78
N GLU B 231 -7.55 -16.59 33.22
CA GLU B 231 -8.60 -16.86 34.18
C GLU B 231 -8.57 -15.82 35.29
N GLY B 232 -9.74 -15.32 35.71
CA GLY B 232 -9.80 -14.38 36.81
C GLY B 232 -9.71 -12.94 36.34
N ARG B 233 -8.76 -12.65 35.44
CA ARG B 233 -8.57 -11.29 34.94
C ARG B 233 -9.44 -11.02 33.69
N ASP B 234 -9.49 -12.00 32.79
CA ASP B 234 -10.14 -11.82 31.51
C ASP B 234 -11.61 -12.21 31.54
N LEU B 235 -12.45 -11.32 31.04
CA LEU B 235 -13.89 -11.53 31.00
C LEU B 235 -14.42 -11.26 29.59
N TRP B 236 -15.24 -12.17 29.08
CA TRP B 236 -15.86 -11.92 27.81
C TRP B 236 -16.92 -10.83 27.97
N TRP B 237 -16.87 -9.86 27.07
CA TRP B 237 -17.89 -8.81 26.94
C TRP B 237 -19.32 -9.41 27.09
N ARG B 238 -19.64 -10.40 26.27
CA ARG B 238 -20.98 -10.91 26.14
C ARG B 238 -21.47 -11.70 27.37
N ASP B 239 -20.58 -12.39 28.08
CA ASP B 239 -20.99 -13.02 29.34
C ASP B 239 -21.44 -11.98 30.36
N LEU B 240 -20.69 -10.88 30.43
CA LEU B 240 -21.00 -9.86 31.41
C LEU B 240 -22.26 -9.16 31.05
N ILE B 241 -22.42 -8.79 29.79
CA ILE B 241 -23.48 -7.88 29.43
C ILE B 241 -24.85 -8.57 29.58
N GLU B 242 -24.89 -9.88 29.33
CA GLU B 242 -26.14 -10.66 29.46
C GLU B 242 -26.50 -11.04 30.91
N LYS B 243 -25.51 -11.05 31.81
CA LYS B 243 -25.72 -11.23 33.26
C LYS B 243 -26.35 -10.01 33.93
N ALA B 244 -26.25 -8.85 33.30
CA ALA B 244 -26.54 -7.58 33.97
C ALA B 244 -27.91 -7.02 33.62
N SER B 245 -28.52 -6.34 34.59
CA SER B 245 -29.84 -5.74 34.42
C SER B 245 -29.86 -4.63 33.37
N PRO B 246 -30.89 -4.62 32.51
CA PRO B 246 -30.99 -3.52 31.55
C PRO B 246 -31.53 -2.22 32.12
N GLU B 247 -31.85 -2.17 33.42
CA GLU B 247 -32.32 -0.93 34.06
C GLU B 247 -31.15 -0.25 34.75
N HIS B 248 -30.93 1.02 34.43
CA HIS B 248 -29.97 1.79 35.20
C HIS B 248 -30.45 3.21 35.43
N GLN B 249 -30.20 3.69 36.63
CA GLN B 249 -30.69 4.98 37.10
C GLN B 249 -29.51 5.95 37.07
N PRO B 250 -29.53 6.90 36.12
CA PRO B 250 -28.38 7.83 35.99
C PRO B 250 -28.38 8.88 37.12
N GLU B 251 -27.28 8.98 37.88
CA GLU B 251 -27.19 10.02 38.93
C GLU B 251 -26.75 11.32 38.29
N ALA B 252 -26.94 12.42 39.01
CA ALA B 252 -26.41 13.70 38.61
C ALA B 252 -24.88 13.73 38.74
N MET B 253 -24.21 14.34 37.77
CA MET B 253 -22.79 14.61 37.88
C MET B 253 -22.71 16.13 37.85
N ASN B 254 -21.75 16.70 38.59
CA ASN B 254 -21.48 18.13 38.57
C ASN B 254 -20.93 18.52 37.20
N ALA B 255 -21.39 19.63 36.63
CA ALA B 255 -20.86 20.16 35.37
C ALA B 255 -19.34 20.06 35.25
N GLU B 256 -18.64 20.28 36.35
CA GLU B 256 -17.19 20.27 36.39
C GLU B 256 -16.56 18.93 36.81
N ASP B 257 -17.37 17.89 36.97
CA ASP B 257 -16.85 16.52 37.15
C ASP B 257 -16.16 16.06 35.88
N PRO B 258 -14.99 15.41 36.00
CA PRO B 258 -14.21 15.00 34.82
C PRO B 258 -14.96 13.94 33.99
N LEU B 259 -14.84 14.03 32.66
CA LEU B 259 -15.60 13.15 31.78
C LEU B 259 -14.66 12.19 31.12
N PHE B 260 -13.60 12.71 30.52
CA PHE B 260 -12.57 11.86 29.92
C PHE B 260 -11.19 12.47 29.89
N ILE B 261 -10.24 11.59 29.61
CA ILE B 261 -8.85 11.95 29.45
C ILE B 261 -8.44 11.44 28.08
N LEU B 262 -7.67 12.25 27.35
CA LEU B 262 -7.13 11.87 26.03
C LEU B 262 -5.66 12.25 25.99
N TYR B 263 -4.81 11.25 25.83
CA TYR B 263 -3.39 11.48 25.77
C TYR B 263 -3.09 12.12 24.43
N THR B 264 -2.35 13.21 24.47
CA THR B 264 -2.15 14.06 23.30
C THR B 264 -0.68 14.44 23.27
N SER B 265 -0.08 14.32 22.10
CA SER B 265 1.33 14.59 21.96
C SER B 265 1.53 16.08 22.11
N GLY B 266 2.65 16.49 22.68
CA GLY B 266 2.98 17.92 22.74
C GLY B 266 4.38 18.26 22.27
N SER B 267 4.76 19.51 22.53
CA SER B 267 6.07 20.00 22.12
C SER B 267 7.27 19.35 22.84
N THR B 268 7.14 19.13 24.15
CA THR B 268 8.14 18.34 24.86
C THR B 268 7.48 17.18 25.58
N GLY B 269 8.30 16.21 25.95
CA GLY B 269 7.90 15.08 26.77
C GLY B 269 7.00 14.07 26.09
N LYS B 270 6.57 13.07 26.84
CA LYS B 270 5.64 12.08 26.34
C LYS B 270 4.23 12.71 26.29
N PRO B 271 3.28 12.08 25.58
CA PRO B 271 1.90 12.59 25.57
C PRO B 271 1.30 12.77 26.99
N LYS B 272 0.53 13.83 27.21
CA LYS B 272 -0.13 13.98 28.51
C LYS B 272 -1.64 13.90 28.34
N GLY B 273 -2.32 13.59 29.44
CA GLY B 273 -3.76 13.37 29.41
C GLY B 273 -4.56 14.66 29.48
N VAL B 274 -5.09 15.09 28.34
CA VAL B 274 -5.95 16.27 28.26
C VAL B 274 -7.30 15.91 28.85
N LEU B 275 -7.66 16.62 29.93
CA LEU B 275 -8.90 16.32 30.64
C LEU B 275 -10.05 17.29 30.29
N HIS B 276 -11.21 16.70 30.00
CA HIS B 276 -12.44 17.45 29.81
C HIS B 276 -13.45 17.09 30.88
N THR B 277 -14.17 18.09 31.33
CA THR B 277 -15.26 17.87 32.26
C THR B 277 -16.56 17.73 31.49
N THR B 278 -17.70 17.81 32.19
CA THR B 278 -18.93 17.31 31.60
C THR B 278 -19.80 18.35 30.91
N GLY B 279 -20.17 19.43 31.61
CA GLY B 279 -21.19 20.36 31.11
C GLY B 279 -20.80 21.24 29.93
N GLY B 280 -19.83 22.12 30.16
CA GLY B 280 -19.24 22.96 29.13
C GLY B 280 -18.92 22.16 27.89
N TYR B 281 -18.17 21.07 28.05
CA TYR B 281 -17.80 20.20 26.94
C TYR B 281 -19.00 19.72 26.13
N LEU B 282 -19.98 19.12 26.79
CA LEU B 282 -21.17 18.63 26.07
C LEU B 282 -21.95 19.76 25.41
N VAL B 283 -22.12 20.88 26.13
CA VAL B 283 -22.86 21.99 25.57
C VAL B 283 -22.12 22.42 24.32
N TYR B 284 -20.79 22.56 24.43
CA TYR B 284 -20.01 23.02 23.30
C TYR B 284 -20.06 22.03 22.13
N ALA B 285 -19.99 20.75 22.43
CA ALA B 285 -19.98 19.72 21.40
C ALA B 285 -21.32 19.66 20.61
N ALA B 286 -22.45 19.58 21.34
CA ALA B 286 -23.77 19.61 20.70
C ALA B 286 -23.96 20.87 19.84
N THR B 287 -23.65 22.05 20.42
CA THR B 287 -23.88 23.34 19.77
C THR B 287 -23.08 23.47 18.47
N THR B 288 -21.78 23.18 18.55
CA THR B 288 -20.93 23.27 17.36
C THR B 288 -21.38 22.24 16.35
N PHE B 289 -21.75 21.05 16.83
CA PHE B 289 -22.28 20.01 15.93
C PHE B 289 -23.50 20.49 15.14
N LYS B 290 -24.52 20.92 15.87
CA LYS B 290 -25.80 21.36 15.30
C LYS B 290 -25.61 22.49 14.31
N TYR B 291 -24.80 23.48 14.65
CA TYR B 291 -24.80 24.66 13.85
C TYR B 291 -23.84 24.57 12.71
N VAL B 292 -22.67 24.00 12.95
CA VAL B 292 -21.69 23.90 11.86
C VAL B 292 -22.11 22.89 10.77
N PHE B 293 -22.86 21.87 11.14
CA PHE B 293 -23.29 20.89 10.15
C PHE B 293 -24.72 21.15 9.70
N ASP B 294 -25.32 22.21 10.24
CA ASP B 294 -26.69 22.57 9.93
C ASP B 294 -27.56 21.32 10.06
N TYR B 295 -27.34 20.57 11.14
CA TYR B 295 -28.05 19.31 11.39
C TYR B 295 -29.53 19.58 11.48
N HIS B 296 -30.30 18.94 10.61
CA HIS B 296 -31.75 18.87 10.70
C HIS B 296 -32.17 17.47 11.14
N PRO B 297 -33.25 17.37 11.91
CA PRO B 297 -33.67 16.00 12.23
C PRO B 297 -33.87 15.22 10.91
N GLY B 298 -33.40 13.98 10.87
CA GLY B 298 -33.50 13.20 9.64
C GLY B 298 -32.19 13.00 8.89
N ASP B 299 -31.26 13.96 9.04
CA ASP B 299 -29.97 13.90 8.35
C ASP B 299 -29.12 12.74 8.83
N ILE B 300 -28.65 11.95 7.86
CA ILE B 300 -27.71 10.88 8.12
C ILE B 300 -26.36 11.56 8.14
N TYR B 301 -25.64 11.39 9.22
CA TYR B 301 -24.40 12.13 9.41
C TYR B 301 -23.24 11.14 9.51
N TRP B 302 -22.12 11.46 8.85
CA TRP B 302 -20.99 10.57 8.92
C TRP B 302 -19.70 11.32 9.10
N CYS B 303 -19.11 11.09 10.28
CA CYS B 303 -17.76 11.51 10.62
C CYS B 303 -16.79 10.34 10.49
N THR B 304 -15.70 10.48 9.74
CA THR B 304 -14.80 9.30 9.54
C THR B 304 -13.69 9.11 10.60
N ALA B 305 -13.49 10.10 11.46
CA ALA B 305 -12.40 10.04 12.42
C ALA B 305 -12.62 8.90 13.43
N ASP B 306 -11.50 8.28 13.83
CA ASP B 306 -11.50 7.17 14.76
C ASP B 306 -11.96 7.59 16.17
N VAL B 307 -12.72 6.72 16.79
CA VAL B 307 -13.18 6.93 18.16
C VAL B 307 -11.99 7.19 19.09
N GLY B 308 -10.78 6.81 18.68
CA GLY B 308 -9.55 7.04 19.47
C GLY B 308 -9.00 8.46 19.57
N TRP B 309 -9.53 9.36 18.73
CA TRP B 309 -9.14 10.76 18.74
C TRP B 309 -10.31 11.60 19.18
N VAL B 310 -10.00 12.84 19.56
CA VAL B 310 -11.01 13.79 20.00
C VAL B 310 -12.12 14.01 18.95
N THR B 311 -11.79 14.01 17.67
CA THR B 311 -12.79 14.22 16.63
C THR B 311 -13.83 13.15 16.77
N GLY B 312 -13.36 11.98 17.19
CA GLY B 312 -14.21 10.81 17.39
C GLY B 312 -15.09 10.94 18.62
N HIS B 313 -14.52 11.43 19.74
CA HIS B 313 -15.29 11.68 20.95
C HIS B 313 -16.34 12.73 20.63
N SER B 314 -15.90 13.89 20.16
CA SER B 314 -16.80 15.05 20.01
C SER B 314 -17.83 14.92 18.88
N TYR B 315 -17.38 14.47 17.70
CA TYR B 315 -18.20 14.53 16.48
C TYR B 315 -18.55 13.19 15.79
N LEU B 316 -17.90 12.10 16.17
CA LEU B 316 -18.49 10.80 15.84
C LEU B 316 -19.69 10.55 16.77
N LEU B 317 -19.49 10.86 18.04
CA LEU B 317 -20.30 10.32 19.10
C LEU B 317 -21.06 11.35 19.95
N TYR B 318 -20.36 12.09 20.79
CA TYR B 318 -21.05 12.93 21.81
C TYR B 318 -21.98 14.02 21.26
N GLY B 319 -21.43 14.87 20.40
CA GLY B 319 -22.21 15.89 19.71
C GLY B 319 -23.47 15.42 18.98
N PRO B 320 -23.32 14.57 17.95
CA PRO B 320 -24.49 13.96 17.30
C PRO B 320 -25.51 13.35 18.27
N LEU B 321 -25.09 12.47 19.17
CA LEU B 321 -26.07 11.73 19.99
C LEU B 321 -26.80 12.69 20.92
N ALA B 322 -26.06 13.65 21.46
CA ALA B 322 -26.65 14.74 22.20
C ALA B 322 -27.73 15.47 21.41
N CYS B 323 -27.59 15.53 20.08
CA CYS B 323 -28.56 16.25 19.27
C CYS B 323 -29.63 15.35 18.68
N GLY B 324 -29.69 14.11 19.15
CA GLY B 324 -30.65 13.17 18.60
C GLY B 324 -30.37 12.73 17.17
N ALA B 325 -29.13 12.88 16.69
CA ALA B 325 -28.79 12.53 15.29
C ALA B 325 -28.59 11.05 15.04
N THR B 326 -28.56 10.68 13.75
CA THR B 326 -28.10 9.35 13.31
C THR B 326 -26.67 9.55 12.86
N THR B 327 -25.75 8.94 13.60
CA THR B 327 -24.34 9.06 13.30
C THR B 327 -23.83 7.72 12.73
N LEU B 328 -22.93 7.80 11.74
CA LEU B 328 -22.43 6.59 11.09
C LEU B 328 -21.07 6.17 11.61
N MET B 329 -20.92 4.91 12.00
CA MET B 329 -19.63 4.37 12.45
C MET B 329 -19.12 3.32 11.48
N PHE B 330 -17.98 3.63 10.84
CA PHE B 330 -17.42 2.79 9.79
C PHE B 330 -16.20 2.07 10.35
N GLU B 331 -16.20 0.75 10.20
CA GLU B 331 -15.14 -0.10 10.75
C GLU B 331 -13.81 0.01 10.00
N GLY B 332 -13.86 0.42 8.72
CA GLY B 332 -12.72 0.25 7.81
C GLY B 332 -12.03 1.51 7.37
N VAL B 333 -11.46 1.46 6.16
CA VAL B 333 -10.72 2.61 5.61
C VAL B 333 -11.44 3.18 4.37
N PRO B 334 -11.36 4.49 4.14
CA PRO B 334 -12.13 5.07 3.02
C PRO B 334 -11.84 4.51 1.64
N ASN B 335 -10.78 3.70 1.50
CA ASN B 335 -10.40 3.25 0.16
C ASN B 335 -10.13 1.76 0.00
N TRP B 336 -10.86 0.95 0.77
CA TRP B 336 -10.70 -0.48 0.68
C TRP B 336 -12.10 -1.06 0.65
N PRO B 337 -12.36 -1.98 -0.28
CA PRO B 337 -11.39 -2.61 -1.19
C PRO B 337 -10.95 -1.79 -2.39
N THR B 338 -11.62 -0.65 -2.64
CA THR B 338 -11.33 0.22 -3.79
C THR B 338 -11.34 1.73 -3.41
N PRO B 339 -10.72 2.57 -4.23
CA PRO B 339 -10.86 4.00 -3.99
C PRO B 339 -12.32 4.51 -3.82
N ALA B 340 -13.31 3.83 -4.39
CA ALA B 340 -14.70 4.36 -4.38
C ALA B 340 -15.46 4.09 -3.07
N ARG B 341 -14.83 3.34 -2.17
CA ARG B 341 -15.49 2.83 -1.01
C ARG B 341 -16.18 3.90 -0.15
N MET B 342 -15.45 4.94 0.22
CA MET B 342 -16.10 6.00 0.98
C MET B 342 -17.45 6.40 0.33
N CYS B 343 -17.44 6.66 -0.97
CA CYS B 343 -18.67 7.08 -1.63
C CYS B 343 -19.72 5.96 -1.74
N GLN B 344 -19.26 4.71 -1.81
CA GLN B 344 -20.17 3.57 -1.78
C GLN B 344 -20.92 3.51 -0.46
N VAL B 345 -20.22 3.80 0.65
CA VAL B 345 -20.86 3.90 1.97
C VAL B 345 -21.88 5.03 1.97
N VAL B 346 -21.51 6.12 1.28
CA VAL B 346 -22.35 7.30 1.18
C VAL B 346 -23.67 6.96 0.52
N ASP B 347 -23.63 6.20 -0.58
CA ASP B 347 -24.88 5.78 -1.26
C ASP B 347 -25.66 4.79 -0.41
N LYS B 348 -24.97 3.76 0.07
CA LYS B 348 -25.58 2.62 0.73
C LYS B 348 -26.47 3.13 1.87
N HIS B 349 -26.00 4.17 2.55
CA HIS B 349 -26.67 4.65 3.76
C HIS B 349 -27.28 6.03 3.59
N GLN B 350 -27.15 6.57 2.39
CA GLN B 350 -27.85 7.81 2.03
C GLN B 350 -27.38 8.95 2.95
N VAL B 351 -26.08 8.92 3.22
CA VAL B 351 -25.38 9.97 3.98
C VAL B 351 -25.66 11.38 3.47
N ASN B 352 -25.96 12.29 4.37
CA ASN B 352 -26.20 13.69 4.02
C ASN B 352 -25.07 14.66 4.40
N ILE B 353 -24.35 14.34 5.47
CA ILE B 353 -23.25 15.16 5.98
C ILE B 353 -22.03 14.26 6.09
N LEU B 354 -20.96 14.62 5.39
CA LEU B 354 -19.74 13.89 5.41
C LEU B 354 -18.64 14.79 5.98
N TYR B 355 -18.02 14.30 7.04
CA TYR B 355 -17.00 15.01 7.76
C TYR B 355 -15.75 14.09 7.77
N THR B 356 -14.72 14.47 7.03
CA THR B 356 -13.56 13.62 6.85
C THR B 356 -12.25 14.43 6.83
N ALA B 357 -11.14 13.77 6.50
CA ALA B 357 -9.82 14.38 6.70
C ALA B 357 -9.06 14.63 5.40
N PRO B 358 -8.38 15.79 5.32
CA PRO B 358 -7.55 16.11 4.14
C PRO B 358 -6.67 14.96 3.66
N THR B 359 -6.12 14.16 4.57
CA THR B 359 -5.23 13.07 4.17
C THR B 359 -5.99 12.04 3.38
N ALA B 360 -7.18 11.68 3.88
CA ALA B 360 -8.08 10.82 3.15
C ALA B 360 -8.45 11.45 1.78
N ILE B 361 -8.77 12.74 1.80
CA ILE B 361 -9.18 13.40 0.55
C ILE B 361 -8.05 13.29 -0.50
N ARG B 362 -6.81 13.61 -0.10
CA ARG B 362 -5.67 13.51 -1.02
C ARG B 362 -5.40 12.09 -1.53
N ALA B 363 -5.62 11.08 -0.68
CA ALA B 363 -5.42 9.68 -1.08
C ALA B 363 -6.46 9.25 -2.15
N LEU B 364 -7.71 9.67 -1.97
CA LEU B 364 -8.74 9.50 -3.01
C LEU B 364 -8.45 10.37 -4.27
N MET B 365 -8.06 11.63 -4.07
CA MET B 365 -7.67 12.54 -5.15
C MET B 365 -6.55 11.97 -6.04
N ALA B 366 -5.56 11.32 -5.44
CA ALA B 366 -4.47 10.69 -6.22
C ALA B 366 -5.00 9.61 -7.20
N GLU B 367 -6.19 9.11 -6.90
CA GLU B 367 -6.81 8.06 -7.68
C GLU B 367 -7.78 8.62 -8.70
N GLY B 368 -7.94 9.94 -8.71
CA GLY B 368 -8.80 10.64 -9.66
C GLY B 368 -10.24 10.17 -9.59
N ASP B 369 -10.86 10.05 -10.76
CA ASP B 369 -12.26 9.60 -10.84
C ASP B 369 -12.52 8.18 -10.31
N LYS B 370 -11.48 7.37 -10.11
CA LYS B 370 -11.66 6.04 -9.50
C LYS B 370 -12.30 6.12 -8.12
N ALA B 371 -12.08 7.24 -7.45
CA ALA B 371 -12.72 7.56 -6.19
C ALA B 371 -14.24 7.75 -6.26
N ILE B 372 -14.78 8.06 -7.44
CA ILE B 372 -16.25 8.24 -7.60
C ILE B 372 -16.96 7.28 -8.58
N GLU B 373 -16.17 6.57 -9.36
CA GLU B 373 -16.70 5.66 -10.39
C GLU B 373 -17.71 4.67 -9.86
N GLY B 374 -18.85 4.66 -10.54
CA GLY B 374 -19.95 3.79 -10.23
C GLY B 374 -20.77 4.28 -9.05
N THR B 375 -20.51 5.51 -8.59
CA THR B 375 -21.23 5.97 -7.40
C THR B 375 -22.06 7.23 -7.67
N ASP B 376 -23.11 7.40 -6.87
CA ASP B 376 -24.04 8.50 -7.03
C ASP B 376 -23.73 9.80 -6.20
N ARG B 377 -23.70 9.73 -4.87
CA ARG B 377 -23.32 10.87 -4.00
C ARG B 377 -24.39 11.97 -3.89
N SER B 378 -25.55 11.76 -4.52
CA SER B 378 -26.62 12.80 -4.52
C SER B 378 -27.23 13.14 -3.18
N SER B 379 -27.08 12.24 -2.21
CA SER B 379 -27.72 12.42 -0.92
C SER B 379 -27.03 13.52 -0.10
N LEU B 380 -25.75 13.77 -0.39
CA LEU B 380 -24.92 14.73 0.35
C LEU B 380 -25.41 16.14 0.19
N ARG B 381 -25.41 16.90 1.28
CA ARG B 381 -25.76 18.33 1.28
C ARG B 381 -24.61 19.14 1.86
N ILE B 382 -23.86 18.53 2.79
CA ILE B 382 -22.84 19.23 3.55
C ILE B 382 -21.60 18.38 3.65
N LEU B 383 -20.45 19.00 3.43
CA LEU B 383 -19.18 18.34 3.60
C LEU B 383 -18.36 19.05 4.67
N GLY B 384 -17.51 18.29 5.34
CA GLY B 384 -16.59 18.83 6.32
C GLY B 384 -15.21 18.27 6.14
N SER B 385 -14.24 19.05 6.57
CA SER B 385 -12.83 18.70 6.53
C SER B 385 -12.23 19.03 7.90
N VAL B 386 -11.35 18.18 8.39
CA VAL B 386 -10.79 18.38 9.72
C VAL B 386 -9.40 17.82 9.91
N GLY B 387 -8.62 18.48 10.78
CA GLY B 387 -7.48 17.83 11.38
C GLY B 387 -6.14 18.26 10.89
N GLU B 388 -6.13 19.03 9.81
CA GLU B 388 -4.90 19.51 9.19
C GLU B 388 -5.26 20.51 8.10
N PRO B 389 -4.27 21.30 7.62
CA PRO B 389 -4.59 22.28 6.59
C PRO B 389 -5.06 21.53 5.36
N ILE B 390 -6.02 22.10 4.67
CA ILE B 390 -6.37 21.63 3.36
C ILE B 390 -5.89 22.69 2.39
N ASN B 391 -5.30 22.19 1.32
CA ASN B 391 -4.80 23.00 0.25
C ASN B 391 -5.97 23.33 -0.72
N PRO B 392 -5.99 24.54 -1.31
CA PRO B 392 -7.09 24.91 -2.19
C PRO B 392 -7.44 23.82 -3.22
N GLU B 393 -6.43 23.24 -3.84
CA GLU B 393 -6.64 22.30 -4.93
C GLU B 393 -7.32 21.02 -4.46
N ALA B 394 -6.98 20.56 -3.25
CA ALA B 394 -7.67 19.45 -2.59
C ALA B 394 -9.08 19.85 -2.07
N TRP B 395 -9.22 21.07 -1.60
CA TRP B 395 -10.52 21.62 -1.25
C TRP B 395 -11.43 21.62 -2.48
N GLU B 396 -10.93 22.18 -3.60
CA GLU B 396 -11.68 22.27 -4.86
C GLU B 396 -12.11 20.92 -5.39
N TRP B 397 -11.20 19.94 -5.34
CA TRP B 397 -11.50 18.56 -5.77
C TRP B 397 -12.62 17.87 -4.93
N TYR B 398 -12.54 18.04 -3.61
CA TYR B 398 -13.54 17.51 -2.69
C TYR B 398 -14.90 18.12 -2.98
N TRP B 399 -14.87 19.44 -3.11
CA TRP B 399 -16.04 20.24 -3.30
C TRP B 399 -16.75 19.82 -4.57
N LYS B 400 -15.95 19.52 -5.59
CA LYS B 400 -16.46 19.20 -6.90
C LYS B 400 -16.78 17.73 -7.03
N LYS B 401 -15.79 16.87 -6.77
CA LYS B 401 -15.96 15.46 -7.07
C LYS B 401 -16.85 14.80 -6.06
N ILE B 402 -16.63 15.12 -4.77
CA ILE B 402 -17.45 14.47 -3.77
C ILE B 402 -18.79 15.16 -3.55
N GLY B 403 -18.79 16.49 -3.48
CA GLY B 403 -20.00 17.24 -3.18
C GLY B 403 -20.72 17.73 -4.40
N LYS B 404 -20.24 17.33 -5.58
CA LYS B 404 -20.86 17.67 -6.88
C LYS B 404 -21.22 19.15 -7.00
N GLU B 405 -20.31 20.01 -6.51
CA GLU B 405 -20.49 21.47 -6.55
C GLU B 405 -21.72 21.98 -5.81
N LYS B 406 -22.46 21.07 -5.16
CA LYS B 406 -23.68 21.46 -4.46
C LYS B 406 -23.51 21.67 -2.97
N CYS B 407 -22.36 21.30 -2.39
CA CYS B 407 -22.27 21.30 -0.91
C CYS B 407 -21.29 22.28 -0.31
N PRO B 408 -21.74 23.09 0.66
CA PRO B 408 -20.74 23.81 1.43
C PRO B 408 -19.74 22.87 2.15
N VAL B 409 -18.47 23.27 2.16
CA VAL B 409 -17.41 22.57 2.86
C VAL B 409 -17.06 23.32 4.13
N VAL B 410 -17.14 22.62 5.27
CA VAL B 410 -16.74 23.20 6.54
C VAL B 410 -15.38 22.68 7.03
N ASP B 411 -14.39 23.56 6.91
CA ASP B 411 -13.02 23.31 7.30
C ASP B 411 -12.95 23.81 8.74
N THR B 412 -12.89 22.86 9.68
CA THR B 412 -13.01 23.19 11.07
C THR B 412 -11.68 23.11 11.77
N TRP B 413 -11.17 24.26 12.21
CA TRP B 413 -9.94 24.29 13.00
C TRP B 413 -10.24 24.24 14.49
N TRP B 414 -9.57 23.34 15.19
CA TRP B 414 -9.72 23.19 16.64
C TRP B 414 -8.72 22.15 17.08
N GLN B 415 -8.73 21.77 18.36
CA GLN B 415 -7.69 20.87 18.90
C GLN B 415 -8.30 20.08 20.03
N THR B 416 -7.62 19.01 20.41
CA THR B 416 -8.05 18.19 21.54
C THR B 416 -8.34 19.09 22.75
N GLU B 417 -7.47 20.09 22.95
CA GLU B 417 -7.52 20.93 24.13
C GLU B 417 -8.64 21.95 24.07
N THR B 418 -9.35 22.01 22.93
CA THR B 418 -10.42 22.99 22.77
C THR B 418 -11.82 22.36 22.85
N GLY B 419 -11.91 21.04 22.92
CA GLY B 419 -13.21 20.37 23.06
C GLY B 419 -14.10 20.30 21.81
N GLY B 420 -14.14 21.41 21.06
CA GLY B 420 -14.99 21.49 19.89
C GLY B 420 -14.50 22.54 18.91
N PHE B 421 -15.26 22.76 17.84
CA PHE B 421 -14.88 23.63 16.75
C PHE B 421 -14.53 25.02 17.26
N MET B 422 -13.55 25.67 16.65
CA MET B 422 -13.10 27.00 17.12
C MET B 422 -13.20 28.07 16.03
N ILE B 423 -12.66 27.73 14.85
CA ILE B 423 -12.71 28.60 13.69
C ILE B 423 -13.18 27.67 12.57
N THR B 424 -14.27 28.08 11.92
CA THR B 424 -15.05 27.21 11.06
C THR B 424 -16.10 28.02 10.30
N PRO B 425 -16.43 27.61 9.07
CA PRO B 425 -17.60 28.24 8.49
C PRO B 425 -18.88 27.64 9.08
N LEU B 426 -20.00 28.33 8.91
CA LEU B 426 -21.33 27.72 9.09
C LEU B 426 -21.96 27.77 7.72
N PRO B 427 -22.52 26.65 7.26
CA PRO B 427 -22.76 26.50 5.82
C PRO B 427 -23.68 27.61 5.24
N GLY B 428 -24.60 28.11 6.05
CA GLY B 428 -25.57 29.07 5.56
C GLY B 428 -25.34 30.48 6.05
N ALA B 429 -24.13 30.77 6.55
CA ALA B 429 -23.83 32.11 7.07
C ALA B 429 -22.55 32.69 6.51
N ILE B 430 -21.59 31.85 6.14
CA ILE B 430 -20.27 32.32 5.79
C ILE B 430 -19.93 31.85 4.36
N GLU B 431 -19.51 32.80 3.54
CA GLU B 431 -19.04 32.49 2.19
C GLU B 431 -17.67 31.85 2.28
N LEU B 432 -17.43 30.81 1.48
CA LEU B 432 -16.25 29.98 1.67
C LEU B 432 -15.14 30.42 0.79
N LYS B 433 -13.93 30.31 1.30
CA LYS B 433 -12.73 30.48 0.49
C LYS B 433 -11.96 29.18 0.55
N ALA B 434 -11.62 28.60 -0.59
CA ALA B 434 -10.97 27.28 -0.61
C ALA B 434 -9.70 27.27 0.22
N GLY B 435 -9.69 26.46 1.27
CA GLY B 435 -8.53 26.39 2.20
C GLY B 435 -8.56 27.18 3.52
N SER B 436 -9.61 28.01 3.72
CA SER B 436 -9.69 28.89 4.89
C SER B 436 -10.62 28.29 5.96
N ALA B 437 -10.23 28.32 7.24
CA ALA B 437 -11.16 27.94 8.30
C ALA B 437 -12.26 28.99 8.43
N THR B 438 -11.99 30.19 7.92
CA THR B 438 -12.89 31.34 7.95
C THR B 438 -12.99 32.03 9.33
N ARG B 439 -14.18 32.08 9.91
CA ARG B 439 -14.47 32.95 11.07
C ARG B 439 -14.50 32.20 12.41
N PRO B 440 -14.22 32.91 13.53
CA PRO B 440 -14.34 32.17 14.79
C PRO B 440 -15.81 31.77 15.09
N PHE B 441 -15.97 30.68 15.83
CA PHE B 441 -17.28 30.26 16.26
C PHE B 441 -17.75 31.10 17.45
N PHE B 442 -19.02 30.98 17.77
CA PHE B 442 -19.59 31.70 18.93
C PHE B 442 -18.72 31.55 20.17
N GLY B 443 -18.34 32.66 20.78
CA GLY B 443 -17.71 32.64 22.10
C GLY B 443 -16.21 32.45 22.06
N VAL B 444 -15.67 32.38 20.83
CA VAL B 444 -14.24 32.24 20.58
C VAL B 444 -13.65 33.59 20.16
N GLN B 445 -12.57 34.02 20.80
CA GLN B 445 -11.90 35.27 20.41
C GLN B 445 -10.48 34.97 19.96
N PRO B 446 -10.27 34.74 18.66
CA PRO B 446 -8.91 34.48 18.21
C PRO B 446 -8.07 35.75 18.13
N ALA B 447 -6.75 35.62 18.18
CA ALA B 447 -5.83 36.74 17.91
C ALA B 447 -4.48 36.20 17.41
N LEU B 448 -3.78 37.03 16.65
CA LEU B 448 -2.46 36.67 16.17
C LEU B 448 -1.46 37.57 16.88
N VAL B 449 -0.34 37.01 17.31
CA VAL B 449 0.67 37.79 17.99
C VAL B 449 2.03 37.47 17.38
N ASP B 450 2.99 38.35 17.49
CA ASP B 450 4.32 37.94 17.03
C ASP B 450 5.01 37.10 18.10
N ASN B 451 6.30 36.95 17.96
CA ASN B 451 7.03 36.13 18.90
C ASN B 451 7.20 36.71 20.30
N GLU B 452 7.10 38.04 20.42
CA GLU B 452 7.21 38.69 21.74
C GLU B 452 5.82 38.99 22.34
N GLY B 453 4.79 38.41 21.74
CA GLY B 453 3.44 38.54 22.25
C GLY B 453 2.68 39.77 21.81
N HIS B 454 3.27 40.56 20.89
CA HIS B 454 2.63 41.77 20.36
C HIS B 454 1.49 41.38 19.44
N PRO B 455 0.24 41.78 19.78
CA PRO B 455 -0.88 41.53 18.86
C PRO B 455 -0.66 42.11 17.47
N GLN B 456 -1.06 41.36 16.44
CA GLN B 456 -0.98 41.82 15.06
C GLN B 456 -2.39 42.12 14.53
N GLU B 457 -2.53 43.28 13.91
CA GLU B 457 -3.83 43.83 13.54
C GLU B 457 -3.94 43.87 12.02
N GLY B 458 -5.17 43.90 11.52
CA GLY B 458 -5.46 43.87 10.09
C GLY B 458 -5.09 42.56 9.42
N ALA B 459 -4.93 42.60 8.10
CA ALA B 459 -4.41 41.48 7.32
C ALA B 459 -2.95 41.24 7.67
N THR B 460 -2.70 40.15 8.38
CA THR B 460 -1.35 39.86 8.89
C THR B 460 -1.16 38.36 9.12
N GLU B 461 -0.01 37.96 9.68
CA GLU B 461 0.19 36.59 10.16
C GLU B 461 0.84 36.61 11.54
N GLY B 462 0.79 35.48 12.26
CA GLY B 462 1.54 35.32 13.50
C GLY B 462 1.08 34.09 14.24
N ASN B 463 1.50 33.98 15.51
CA ASN B 463 1.06 32.89 16.40
C ASN B 463 -0.40 33.05 16.83
N LEU B 464 -1.17 31.97 16.68
CA LEU B 464 -2.60 31.97 16.95
C LEU B 464 -2.92 31.67 18.41
N VAL B 465 -3.57 32.63 19.05
CA VAL B 465 -3.94 32.47 20.46
C VAL B 465 -5.42 32.76 20.62
N ILE B 466 -6.01 32.27 21.71
CA ILE B 466 -7.41 32.55 22.05
C ILE B 466 -7.39 33.34 23.39
N THR B 467 -8.06 34.49 23.44
CA THR B 467 -7.78 35.48 24.49
C THR B 467 -8.73 35.41 25.69
N ASP B 468 -9.73 34.54 25.59
CA ASP B 468 -10.66 34.25 26.68
C ASP B 468 -11.22 32.83 26.49
N SER B 469 -11.77 32.27 27.56
CA SER B 469 -12.36 30.92 27.56
C SER B 469 -13.63 30.74 26.72
N TRP B 470 -14.02 29.47 26.54
CA TRP B 470 -15.22 29.09 25.81
C TRP B 470 -15.67 27.77 26.45
N PRO B 471 -16.98 27.46 26.44
CA PRO B 471 -17.46 26.32 27.26
C PRO B 471 -16.69 25.00 27.13
N GLY B 472 -16.22 24.68 25.93
CA GLY B 472 -15.63 23.38 25.71
C GLY B 472 -14.15 23.22 26.03
N GLN B 473 -13.55 24.18 26.73
CA GLN B 473 -12.11 24.19 27.00
C GLN B 473 -11.60 23.03 27.85
N ALA B 474 -10.50 22.40 27.44
CA ALA B 474 -9.92 21.36 28.31
C ALA B 474 -9.64 22.04 29.65
N ARG B 475 -9.93 21.35 30.76
CA ARG B 475 -9.85 22.01 32.07
C ARG B 475 -8.49 21.89 32.75
N THR B 476 -7.68 20.92 32.32
CA THR B 476 -6.37 20.65 32.95
C THR B 476 -5.60 19.53 32.22
N LEU B 477 -4.37 19.29 32.67
CA LEU B 477 -3.66 18.04 32.33
C LEU B 477 -3.85 17.10 33.50
N PHE B 478 -4.13 15.82 33.23
CA PHE B 478 -4.50 14.86 34.27
C PHE B 478 -3.40 14.71 35.29
N GLY B 479 -3.75 14.93 36.56
CA GLY B 479 -2.77 14.94 37.67
C GLY B 479 -1.63 15.95 37.58
N ASP B 480 -1.82 17.04 36.82
CA ASP B 480 -0.76 18.02 36.66
C ASP B 480 -1.24 19.37 36.13
N HIS B 481 -1.85 20.13 37.00
CA HIS B 481 -2.31 21.46 36.61
C HIS B 481 -1.17 22.46 36.33
N GLU B 482 0.00 22.30 36.94
CA GLU B 482 1.13 23.21 36.65
C GLU B 482 1.64 23.08 35.21
N ARG B 483 1.75 21.84 34.70
CA ARG B 483 2.23 21.61 33.34
C ARG B 483 1.21 22.15 32.35
N PHE B 484 -0.06 21.98 32.67
CA PHE B 484 -1.13 22.56 31.87
C PHE B 484 -0.95 24.08 31.71
N GLU B 485 -0.79 24.77 32.84
CA GLU B 485 -0.55 26.23 32.84
C GLU B 485 0.71 26.55 32.07
N GLN B 486 1.76 25.83 32.42
CA GLN B 486 3.06 25.91 31.78
C GLN B 486 2.99 25.75 30.23
N THR B 487 2.26 24.75 29.77
CA THR B 487 2.26 24.43 28.34
C THR B 487 1.47 25.42 27.47
N TYR B 488 0.38 25.95 28.00
CA TYR B 488 -0.57 26.68 27.18
C TYR B 488 -0.75 28.14 27.56
N PHE B 489 -0.30 28.53 28.75
CA PHE B 489 -0.65 29.84 29.27
C PHE B 489 0.54 30.62 29.78
N SER B 490 1.74 30.19 29.42
CA SER B 490 2.93 30.86 29.90
C SER B 490 3.74 31.55 28.80
N THR B 491 3.56 31.17 27.54
CA THR B 491 4.31 31.82 26.44
C THR B 491 3.81 33.25 26.23
N PHE B 492 2.50 33.41 26.27
CA PHE B 492 1.86 34.66 26.04
C PHE B 492 0.92 34.89 27.21
N LYS B 493 1.30 35.82 28.09
CA LYS B 493 0.62 35.98 29.37
C LYS B 493 -0.86 36.35 29.17
N ASN B 494 -1.73 35.68 29.91
CA ASN B 494 -3.18 35.94 29.86
C ASN B 494 -3.88 35.39 28.62
N MET B 495 -3.20 34.46 27.96
CA MET B 495 -3.71 33.89 26.75
C MET B 495 -3.44 32.41 26.54
N TYR B 496 -4.39 31.77 25.86
CA TYR B 496 -4.27 30.38 25.43
C TYR B 496 -3.48 30.31 24.14
N PHE B 497 -2.31 29.66 24.19
CA PHE B 497 -1.49 29.48 22.99
C PHE B 497 -1.79 28.11 22.33
N SER B 498 -2.17 28.12 21.06
CA SER B 498 -2.53 26.88 20.39
C SER B 498 -1.33 26.10 19.89
N GLY B 499 -0.19 26.76 19.72
CA GLY B 499 0.92 26.15 19.00
C GLY B 499 0.75 26.17 17.48
N ASP B 500 -0.26 26.90 16.99
CA ASP B 500 -0.46 27.07 15.55
C ASP B 500 -0.08 28.47 15.10
N GLY B 501 0.32 28.59 13.84
CA GLY B 501 0.51 29.89 13.19
C GLY B 501 -0.62 30.09 12.23
N ALA B 502 -0.97 31.34 11.94
CA ALA B 502 -2.03 31.62 10.99
C ALA B 502 -1.89 32.97 10.34
N ARG B 503 -2.50 33.12 9.18
CA ARG B 503 -2.69 34.44 8.59
C ARG B 503 -4.17 34.82 8.59
N ARG B 504 -4.42 36.12 8.74
CA ARG B 504 -5.77 36.70 8.65
C ARG B 504 -5.81 37.59 7.40
N ASP B 505 -6.80 37.40 6.53
CA ASP B 505 -6.86 38.22 5.32
C ASP B 505 -7.69 39.44 5.53
N GLU B 506 -7.78 40.26 4.49
CA GLU B 506 -8.52 41.54 4.51
C GLU B 506 -9.98 41.41 5.00
N ASP B 507 -10.60 40.24 4.89
CA ASP B 507 -11.99 40.06 5.33
C ASP B 507 -12.11 39.49 6.74
N GLY B 508 -10.95 39.27 7.38
CA GLY B 508 -10.88 38.67 8.72
C GLY B 508 -10.95 37.14 8.72
N TYR B 509 -10.70 36.53 7.56
CA TYR B 509 -10.75 35.09 7.43
C TYR B 509 -9.40 34.55 7.83
N TYR B 510 -9.41 33.45 8.59
CA TYR B 510 -8.20 32.82 9.06
C TYR B 510 -7.79 31.67 8.13
N TRP B 511 -6.48 31.54 7.92
CA TRP B 511 -5.88 30.47 7.14
C TRP B 511 -4.89 29.85 8.08
N ILE B 512 -5.15 28.64 8.56
CA ILE B 512 -4.20 28.00 9.45
C ILE B 512 -3.04 27.45 8.66
N THR B 513 -1.83 27.87 9.03
CA THR B 513 -0.64 27.49 8.32
C THR B 513 0.00 26.24 8.93
N GLY B 514 -0.35 25.89 10.16
CA GLY B 514 0.16 24.66 10.80
C GLY B 514 0.88 24.92 12.12
N ARG B 515 1.35 23.85 12.77
CA ARG B 515 2.06 24.01 14.06
C ARG B 515 3.32 24.82 13.87
N VAL B 516 3.58 25.73 14.84
CA VAL B 516 4.88 26.45 14.97
C VAL B 516 5.76 25.91 16.10
N ASP B 517 5.29 24.94 16.86
CA ASP B 517 6.13 24.33 17.88
C ASP B 517 6.74 23.04 17.28
N ASP B 518 7.24 22.13 18.12
CA ASP B 518 7.90 20.92 17.61
C ASP B 518 6.94 19.75 17.47
N VAL B 519 5.78 20.03 16.87
CA VAL B 519 4.70 19.07 16.67
C VAL B 519 4.49 18.79 15.17
N LEU B 520 4.31 17.53 14.83
CA LEU B 520 4.15 17.14 13.44
C LEU B 520 2.69 16.78 13.22
N ASN B 521 2.21 17.02 12.00
CA ASN B 521 0.96 16.45 11.55
C ASN B 521 1.29 15.43 10.48
N VAL B 522 1.16 14.17 10.84
CA VAL B 522 1.41 13.10 9.89
C VAL B 522 0.12 12.32 9.66
N SER B 523 -0.37 12.35 8.41
CA SER B 523 -1.71 11.84 8.05
C SER B 523 -2.82 12.44 8.92
N GLY B 524 -2.60 13.66 9.41
CA GLY B 524 -3.54 14.26 10.35
C GLY B 524 -3.47 13.74 11.79
N HIS B 525 -2.45 12.96 12.12
CA HIS B 525 -2.22 12.56 13.49
C HIS B 525 -1.18 13.47 14.10
N ARG B 526 -1.39 13.86 15.35
CA ARG B 526 -0.49 14.79 16.01
C ARG B 526 0.59 14.05 16.79
N LEU B 527 1.84 14.31 16.48
CA LEU B 527 2.98 13.64 17.12
C LEU B 527 4.09 14.62 17.46
N GLY B 528 4.69 14.44 18.63
CA GLY B 528 5.75 15.33 19.06
C GLY B 528 7.05 14.84 18.48
N THR B 529 7.93 15.76 18.11
CA THR B 529 9.28 15.38 17.72
C THR B 529 10.05 14.75 18.90
N ALA B 530 9.93 15.33 20.10
CA ALA B 530 10.72 14.84 21.25
C ALA B 530 10.45 13.37 21.64
N GLU B 531 9.20 12.90 21.50
CA GLU B 531 8.81 11.52 21.89
C GLU B 531 9.30 10.45 20.90
N ILE B 532 9.35 10.81 19.60
CA ILE B 532 9.99 9.99 18.59
C ILE B 532 11.51 9.93 18.82
N GLU B 533 12.12 11.08 19.11
CA GLU B 533 13.51 11.11 19.51
C GLU B 533 13.84 10.19 20.70
N SER B 534 13.05 10.29 21.77
CA SER B 534 13.23 9.41 22.94
C SER B 534 12.99 7.93 22.59
N ALA B 535 11.98 7.67 21.76
CA ALA B 535 11.77 6.33 21.26
C ALA B 535 13.02 5.85 20.51
N LEU B 536 13.58 6.70 19.66
CA LEU B 536 14.77 6.33 18.90
C LEU B 536 15.95 6.05 19.81
N VAL B 537 16.14 6.92 20.80
CA VAL B 537 17.38 6.94 21.58
C VAL B 537 17.44 5.76 22.54
N ALA B 538 16.26 5.24 22.86
CA ALA B 538 16.17 4.09 23.76
C ALA B 538 16.59 2.80 23.04
N HIS B 539 16.75 2.86 21.73
CA HIS B 539 17.29 1.69 21.03
C HIS B 539 18.75 1.53 21.47
N PRO B 540 19.19 0.30 21.78
CA PRO B 540 20.59 0.10 22.27
C PRO B 540 21.72 0.64 21.36
N LYS B 541 21.53 0.67 20.03
CA LYS B 541 22.60 1.08 19.10
C LYS B 541 22.64 2.59 18.74
N ILE B 542 21.66 3.36 19.22
CA ILE B 542 21.54 4.79 18.93
C ILE B 542 22.02 5.71 20.09
N ALA B 543 22.89 6.66 19.73
CA ALA B 543 23.49 7.61 20.67
C ALA B 543 22.60 8.81 20.82
N GLU B 544 22.20 9.36 19.66
CA GLU B 544 21.29 10.48 19.61
C GLU B 544 20.49 10.58 18.30
N ALA B 545 19.37 11.29 18.34
CA ALA B 545 18.51 11.42 17.18
C ALA B 545 17.83 12.77 17.18
N ALA B 546 17.60 13.31 15.98
CA ALA B 546 16.73 14.48 15.83
C ALA B 546 15.74 14.26 14.71
N VAL B 547 14.49 14.62 15.01
CA VAL B 547 13.39 14.32 14.12
C VAL B 547 12.79 15.64 13.66
N VAL B 548 12.52 15.73 12.35
CA VAL B 548 11.79 16.86 11.80
C VAL B 548 10.75 16.39 10.82
N GLY B 549 9.87 17.34 10.46
CA GLY B 549 8.86 17.13 9.45
C GLY B 549 9.38 17.60 8.11
N ILE B 550 9.00 16.86 7.06
CA ILE B 550 9.14 17.30 5.68
C ILE B 550 7.77 17.20 4.99
N PRO B 551 7.51 18.09 4.02
CA PRO B 551 6.27 17.97 3.26
C PRO B 551 6.14 16.61 2.58
N HIS B 552 4.92 16.07 2.61
CA HIS B 552 4.55 14.85 1.91
C HIS B 552 3.21 15.13 1.21
N ALA B 553 3.09 14.75 -0.05
CA ALA B 553 1.91 15.10 -0.85
C ALA B 553 0.58 14.51 -0.36
N ILE B 554 0.63 13.38 0.35
CA ILE B 554 -0.59 12.71 0.82
C ILE B 554 -0.73 12.94 2.31
N LYS B 555 0.31 12.55 3.05
CA LYS B 555 0.29 12.56 4.51
C LYS B 555 0.38 13.96 5.14
N GLY B 556 0.69 14.99 4.35
CA GLY B 556 0.92 16.34 4.89
C GLY B 556 2.39 16.53 5.24
N GLN B 557 2.83 15.83 6.27
CA GLN B 557 4.24 15.81 6.64
C GLN B 557 4.65 14.36 6.72
N ALA B 558 5.93 14.12 6.49
CA ALA B 558 6.49 12.80 6.72
C ALA B 558 7.56 12.94 7.82
N ILE B 559 7.85 11.82 8.50
CA ILE B 559 8.82 11.81 9.57
C ILE B 559 10.22 11.51 9.03
N TYR B 560 11.14 12.44 9.26
CA TYR B 560 12.52 12.42 8.76
C TYR B 560 13.42 12.51 9.99
N ALA B 561 14.10 11.43 10.29
CA ALA B 561 14.91 11.30 11.52
C ALA B 561 16.41 11.18 11.22
N TYR B 562 17.15 12.10 11.83
CA TYR B 562 18.60 12.04 11.82
C TYR B 562 19.03 11.17 13.01
N VAL B 563 19.79 10.12 12.73
CA VAL B 563 20.21 9.18 13.76
C VAL B 563 21.73 9.10 13.81
N THR B 564 22.25 9.24 15.03
CA THR B 564 23.67 9.07 15.30
C THR B 564 23.85 7.74 16.03
N LEU B 565 24.68 6.86 15.46
CA LEU B 565 24.91 5.58 16.11
C LEU B 565 25.89 5.72 17.25
N ASN B 566 25.87 4.74 18.15
CA ASN B 566 26.94 4.59 19.15
C ASN B 566 28.24 4.23 18.46
N HIS B 567 29.35 4.69 19.04
CA HIS B 567 30.68 4.36 18.53
C HIS B 567 30.82 2.88 18.23
N GLY B 568 31.44 2.58 17.10
CA GLY B 568 31.64 1.21 16.66
C GLY B 568 30.42 0.50 16.12
N GLU B 569 29.28 1.19 16.06
CA GLU B 569 28.12 0.62 15.36
C GLU B 569 28.11 1.17 13.94
N GLU B 570 27.61 0.36 13.01
CA GLU B 570 27.66 0.69 11.60
C GLU B 570 26.29 0.53 10.91
N PRO B 571 25.94 1.49 10.05
CA PRO B 571 24.63 1.41 9.38
C PRO B 571 24.59 0.24 8.41
N SER B 572 23.42 -0.33 8.19
CA SER B 572 23.19 -1.35 7.17
C SER B 572 21.71 -1.25 6.86
N PRO B 573 21.28 -1.72 5.68
CA PRO B 573 19.82 -1.79 5.46
C PRO B 573 19.11 -2.65 6.50
N GLU B 574 19.81 -3.61 7.09
CA GLU B 574 19.19 -4.40 8.16
C GLU B 574 18.90 -3.54 9.39
N LEU B 575 19.87 -2.73 9.79
CA LEU B 575 19.73 -1.88 10.95
C LEU B 575 18.67 -0.82 10.72
N TYR B 576 18.62 -0.34 9.49
CA TYR B 576 17.61 0.60 9.04
C TYR B 576 16.17 0.12 9.34
N ALA B 577 15.81 -1.07 8.85
CA ALA B 577 14.50 -1.65 9.09
C ALA B 577 14.33 -1.94 10.57
N GLU B 578 15.42 -2.28 11.24
CA GLU B 578 15.33 -2.59 12.66
C GLU B 578 14.99 -1.33 13.48
N VAL B 579 15.63 -0.21 13.14
CA VAL B 579 15.37 1.03 13.84
C VAL B 579 13.95 1.51 13.55
N ARG B 580 13.50 1.34 12.31
CA ARG B 580 12.13 1.74 11.94
C ARG B 580 11.10 0.93 12.71
N ASN B 581 11.29 -0.39 12.74
CA ASN B 581 10.48 -1.31 13.55
C ASN B 581 10.54 -1.05 15.04
N TRP B 582 11.65 -0.45 15.48
CA TRP B 582 11.81 -0.20 16.90
C TRP B 582 10.81 0.91 17.32
N VAL B 583 10.65 1.92 16.48
CA VAL B 583 9.73 2.99 16.75
C VAL B 583 8.31 2.45 16.68
N ARG B 584 8.09 1.54 15.73
CA ARG B 584 6.81 0.83 15.59
C ARG B 584 6.39 0.17 16.91
N LYS B 585 7.33 -0.46 17.59
CA LYS B 585 7.04 -1.19 18.80
C LYS B 585 6.92 -0.25 20.00
N GLU B 586 7.60 0.90 19.93
CA GLU B 586 7.59 1.89 21.03
C GLU B 586 6.31 2.72 21.05
N ILE B 587 5.79 3.03 19.87
CA ILE B 587 4.67 3.96 19.74
C ILE B 587 3.56 3.36 18.86
N GLY B 588 3.91 3.08 17.61
CA GLY B 588 3.01 2.39 16.68
C GLY B 588 3.42 2.82 15.30
N PRO B 589 2.87 2.16 14.27
CA PRO B 589 3.10 2.49 12.86
C PRO B 589 2.92 3.98 12.53
N LEU B 590 1.92 4.64 13.14
CA LEU B 590 1.67 6.07 12.86
C LEU B 590 2.90 6.94 13.08
N ALA B 591 3.91 6.45 13.80
CA ALA B 591 5.06 7.31 14.12
C ALA B 591 6.35 6.77 13.57
N THR B 592 6.26 5.81 12.66
CA THR B 592 7.45 5.22 12.05
C THR B 592 8.03 6.25 11.12
N PRO B 593 9.33 6.55 11.26
CA PRO B 593 10.03 7.41 10.32
C PRO B 593 10.02 6.88 8.90
N ASP B 594 9.86 7.78 7.95
CA ASP B 594 9.86 7.44 6.54
C ASP B 594 11.29 7.46 6.04
N VAL B 595 12.14 8.26 6.70
CA VAL B 595 13.56 8.38 6.36
C VAL B 595 14.43 8.30 7.59
N LEU B 596 15.44 7.45 7.56
CA LEU B 596 16.51 7.60 8.52
C LEU B 596 17.72 8.17 7.78
N HIS B 597 18.33 9.16 8.40
CA HIS B 597 19.50 9.82 7.85
C HIS B 597 20.61 9.57 8.85
N TRP B 598 21.50 8.62 8.54
CA TRP B 598 22.62 8.35 9.42
C TRP B 598 23.62 9.47 9.38
N THR B 599 24.04 9.95 10.53
CA THR B 599 25.01 11.04 10.55
C THR B 599 25.78 11.04 11.84
N ASP B 600 27.03 11.51 11.81
CA ASP B 600 27.81 11.68 13.04
C ASP B 600 27.83 13.14 13.38
N SER B 601 27.00 13.89 12.64
CA SER B 601 27.11 15.35 12.50
C SER B 601 25.90 16.18 12.98
N LEU B 602 25.30 15.83 14.10
CA LEU B 602 24.19 16.64 14.64
C LEU B 602 24.66 18.03 15.08
N PRO B 603 23.86 19.07 14.78
CA PRO B 603 24.30 20.41 15.20
C PRO B 603 23.75 20.79 16.59
N LYS B 604 24.65 20.98 17.54
CA LYS B 604 24.26 21.29 18.91
C LYS B 604 24.93 22.58 19.42
N THR B 605 24.24 23.31 20.29
CA THR B 605 24.86 24.39 21.05
C THR B 605 25.85 23.78 22.00
N ARG B 606 26.62 24.64 22.66
CA ARG B 606 27.66 24.22 23.57
C ARG B 606 27.11 23.67 24.88
N SER B 607 25.80 23.78 25.06
CA SER B 607 25.12 23.10 26.15
C SER B 607 24.59 21.72 25.74
N GLY B 608 24.53 21.46 24.44
CA GLY B 608 24.08 20.16 23.95
C GLY B 608 22.65 20.12 23.44
N LYS B 609 22.00 21.29 23.34
CA LYS B 609 20.72 21.41 22.65
C LYS B 609 20.89 21.21 21.12
N ILE B 610 20.13 20.26 20.55
CA ILE B 610 20.06 20.02 19.10
C ILE B 610 19.39 21.21 18.39
N MET B 611 19.95 21.66 17.27
CA MET B 611 19.47 22.89 16.64
C MET B 611 18.48 22.62 15.50
N ARG B 612 17.20 22.56 15.87
CA ARG B 612 16.16 22.06 14.97
C ARG B 612 15.97 22.88 13.66
N ARG B 613 16.09 24.21 13.74
CA ARG B 613 15.83 25.08 12.58
C ARG B 613 16.63 24.65 11.34
N ILE B 614 17.94 24.44 11.52
CA ILE B 614 18.82 24.16 10.40
C ILE B 614 18.58 22.77 9.82
N LEU B 615 18.25 21.81 10.67
CA LEU B 615 17.97 20.46 10.23
C LEU B 615 16.67 20.34 9.44
N ARG B 616 15.72 21.22 9.75
CA ARG B 616 14.42 21.25 9.11
C ARG B 616 14.56 21.71 7.66
N LYS B 617 15.35 22.77 7.47
CA LYS B 617 15.60 23.32 6.13
C LYS B 617 16.43 22.37 5.26
N ILE B 618 17.42 21.67 5.84
CA ILE B 618 18.25 20.72 5.08
C ILE B 618 17.45 19.54 4.55
N ALA B 619 16.61 18.99 5.42
CA ALA B 619 15.78 17.84 5.10
C ALA B 619 14.70 18.18 4.07
N ALA B 620 14.12 19.38 4.18
CA ALA B 620 13.18 19.87 3.17
C ALA B 620 13.79 20.07 1.75
N GLY B 621 15.07 20.45 1.64
CA GLY B 621 15.74 20.61 0.34
C GLY B 621 16.66 21.83 0.21
N ASP B 622 16.43 22.85 1.02
CA ASP B 622 17.26 24.08 1.06
C ASP B 622 18.77 23.81 1.27
N ASP B 634 31.03 23.96 16.53
CA ASP B 634 31.63 24.37 15.26
C ASP B 634 30.59 24.26 14.14
N PRO B 635 30.39 25.36 13.37
CA PRO B 635 29.54 25.25 12.16
C PRO B 635 30.05 24.33 10.99
N GLY B 636 31.12 23.55 11.17
CA GLY B 636 31.62 22.67 10.11
C GLY B 636 30.63 21.62 9.63
N VAL B 637 29.76 21.17 10.54
CA VAL B 637 28.80 20.07 10.31
C VAL B 637 27.78 20.29 9.19
N VAL B 638 27.57 21.52 8.79
CA VAL B 638 26.56 21.84 7.78
C VAL B 638 26.96 21.35 6.38
N GLU B 639 28.23 21.54 6.03
CA GLU B 639 28.77 20.99 4.79
C GLU B 639 28.51 19.48 4.77
N LYS B 640 28.92 18.81 5.84
CA LYS B 640 28.83 17.36 5.93
C LYS B 640 27.38 16.95 5.74
N LEU B 641 26.48 17.51 6.55
CA LEU B 641 25.04 17.19 6.50
C LEU B 641 24.44 17.31 5.12
N LEU B 642 25.00 18.19 4.30
CA LEU B 642 24.44 18.42 2.96
C LEU B 642 24.86 17.33 1.99
N GLU B 643 26.12 16.90 2.07
CA GLU B 643 26.61 15.76 1.29
C GLU B 643 25.72 14.53 1.48
N GLU B 644 25.44 14.21 2.75
CA GLU B 644 24.70 12.99 3.11
C GLU B 644 23.25 13.03 2.60
N LYS B 645 22.63 14.22 2.64
CA LYS B 645 21.22 14.39 2.24
C LYS B 645 21.00 13.98 0.79
N GLN B 646 21.86 14.47 -0.10
CA GLN B 646 21.72 14.16 -1.53
C GLN B 646 22.00 12.69 -1.87
N ALA B 647 22.63 11.95 -0.94
CA ALA B 647 22.92 10.50 -1.12
C ALA B 647 21.72 9.53 -0.92
#